data_8BF3
#
_entry.id   8BF3
#
_cell.length_a   65.580
_cell.length_b   99.350
_cell.length_c   132.940
_cell.angle_alpha   90.000
_cell.angle_beta   90.000
_cell.angle_gamma   90.000
#
_symmetry.space_group_name_H-M   'P 21 21 21'
#
loop_
_entity.id
_entity.type
_entity.pdbx_description
1 polymer 'Ferulic acid esterase'
2 branched beta-D-xylopyranose-(1-4)-beta-D-xylopyranose
3 non-polymer 1,2-ETHANEDIOL
4 non-polymer beta-D-xylopyranose
5 water water
#
_entity_poly.entity_id   1
_entity_poly.type   'polypeptide(L)'
_entity_poly.pdbx_seq_one_letter_code
;QVTPRPEAAPGARPGFRAPARIISPEIMPDNKVTFRVYSKDASKVTITGEWQTGPGGVEELVKNDTGMFSITVGPLKPEL
YAYNFTVDGVKALDANNVQVRRDGTNYQNFFIIPGPESDLYFHKNNVPHGTVTKVWYKSSVIGFDRRMYVYTPAGYEGDT
QRYPVFYLLHGAGGDEDAWTNMGRTAQIMDNLIAQGKAKPMIVVMTNGNANQAGAQNEVPPVPVTQGQQGIPSGSGMTGK
FEEHLVKDVVPFIEKNFRALTGKDNRAIAGLSMGGGHTQTITNDNPGMFSYIGVFSMGIMAGRQQGADAEKIEKERDAKI
EALKKSGYKLYWIACGKDDFVYQSALTLRNTLDKHNFKYVYRESTGGHTWANWRIYLSEFAPMLFKLL
;
_entity_poly.pdbx_strand_id   A,B
#
# COMPACT_ATOMS: atom_id res chain seq x y z
N ARG A 21 18.89 -7.64 -19.41
CA ARG A 21 17.86 -7.91 -18.42
C ARG A 21 18.27 -9.06 -17.50
N ILE A 22 18.20 -8.83 -16.19
CA ILE A 22 18.58 -9.83 -15.19
C ILE A 22 17.30 -10.37 -14.57
N ILE A 23 17.16 -11.70 -14.59
CA ILE A 23 16.03 -12.37 -13.94
C ILE A 23 16.43 -12.78 -12.54
N SER A 24 15.74 -12.27 -11.55
CA SER A 24 16.01 -12.66 -10.18
C SER A 24 14.76 -12.36 -9.36
N PRO A 25 14.20 -13.34 -8.64
CA PRO A 25 14.55 -14.75 -8.63
C PRO A 25 14.04 -15.45 -9.88
N GLU A 26 14.68 -16.53 -10.27
CA GLU A 26 14.23 -17.38 -11.36
C GLU A 26 13.88 -18.73 -10.75
N ILE A 27 12.60 -19.06 -10.75
CA ILE A 27 12.10 -20.30 -10.20
C ILE A 27 12.11 -21.35 -11.30
N MET A 28 12.76 -22.47 -11.04
CA MET A 28 12.98 -23.52 -12.02
C MET A 28 11.91 -24.60 -11.90
N PRO A 29 11.82 -25.48 -12.89
CA PRO A 29 10.74 -26.48 -12.88
C PRO A 29 10.81 -27.49 -11.74
N ASP A 30 11.97 -27.66 -11.11
CA ASP A 30 12.10 -28.51 -9.94
C ASP A 30 12.05 -27.73 -8.62
N ASN A 31 11.63 -26.48 -8.67
CA ASN A 31 11.52 -25.63 -7.49
C ASN A 31 12.86 -25.26 -6.88
N LYS A 32 13.96 -25.43 -7.63
CA LYS A 32 15.16 -24.66 -7.33
C LYS A 32 14.92 -23.21 -7.72
N VAL A 33 15.70 -22.32 -7.12
CA VAL A 33 15.55 -20.89 -7.37
C VAL A 33 16.94 -20.29 -7.55
N THR A 34 17.11 -19.49 -8.59
CA THR A 34 18.35 -18.79 -8.86
C THR A 34 18.19 -17.30 -8.59
N PHE A 35 19.19 -16.73 -7.92
CA PHE A 35 19.24 -15.31 -7.62
C PHE A 35 20.50 -14.74 -8.26
N ARG A 36 20.43 -13.49 -8.69
CA ARG A 36 21.52 -12.87 -9.43
C ARG A 36 21.67 -11.42 -9.00
N VAL A 37 22.92 -10.97 -8.88
CA VAL A 37 23.28 -9.60 -8.54
C VAL A 37 24.48 -9.21 -9.39
N TYR A 38 24.42 -8.07 -10.07
CA TYR A 38 25.53 -7.62 -10.89
C TYR A 38 26.37 -6.57 -10.15
N SER A 39 27.68 -6.80 -10.10
CA SER A 39 28.62 -5.75 -9.73
C SER A 39 30.04 -6.18 -9.93
N LYS A 40 30.79 -5.43 -10.73
CA LYS A 40 32.22 -5.69 -10.85
C LYS A 40 33.01 -5.16 -9.67
N ASP A 41 32.41 -4.31 -8.83
N ASP A 41 32.44 -4.28 -8.87
CA ASP A 41 33.11 -3.63 -7.76
CA ASP A 41 33.17 -3.69 -7.77
C ASP A 41 32.85 -4.22 -6.38
C ASP A 41 33.13 -4.56 -6.52
N ALA A 42 31.99 -5.21 -6.26
CA ALA A 42 31.75 -5.84 -4.96
C ALA A 42 32.65 -7.05 -4.74
N SER A 43 33.04 -7.24 -3.49
N SER A 43 32.99 -7.28 -3.49
CA SER A 43 33.84 -8.40 -3.10
CA SER A 43 33.84 -8.40 -3.15
C SER A 43 32.96 -9.59 -2.75
C SER A 43 33.09 -9.60 -2.58
N LYS A 44 31.96 -9.38 -1.92
CA LYS A 44 31.19 -10.46 -1.34
C LYS A 44 29.73 -10.10 -1.33
N VAL A 45 28.90 -10.96 -1.91
CA VAL A 45 27.46 -10.81 -1.90
C VAL A 45 26.89 -12.07 -1.31
N THR A 46 26.11 -11.94 -0.24
CA THR A 46 25.42 -13.08 0.34
C THR A 46 23.91 -12.87 0.22
N ILE A 47 23.18 -13.93 0.51
CA ILE A 47 21.72 -13.91 0.55
C ILE A 47 21.27 -14.49 1.87
N THR A 48 20.29 -13.82 2.48
CA THR A 48 19.62 -14.26 3.69
C THR A 48 18.17 -14.51 3.31
N GLY A 49 17.68 -15.71 3.58
CA GLY A 49 16.33 -16.05 3.16
C GLY A 49 15.70 -17.10 4.05
N GLU A 50 14.38 -17.18 3.98
CA GLU A 50 13.61 -17.96 4.93
C GLU A 50 13.71 -19.46 4.72
N TRP A 51 14.35 -19.92 3.64
CA TRP A 51 14.60 -21.35 3.45
C TRP A 51 15.85 -21.81 4.17
N GLN A 52 16.63 -20.90 4.74
CA GLN A 52 17.93 -21.22 5.29
C GLN A 52 17.79 -21.81 6.70
N THR A 53 18.88 -22.37 7.18
CA THR A 53 18.85 -23.10 8.45
C THR A 53 18.81 -22.17 9.66
N GLY A 54 19.28 -20.94 9.51
CA GLY A 54 19.50 -20.05 10.61
C GLY A 54 20.58 -19.06 10.22
N PRO A 55 21.00 -18.20 11.16
CA PRO A 55 22.05 -17.21 10.82
C PRO A 55 23.34 -17.80 10.29
N GLY A 56 23.77 -18.94 10.83
CA GLY A 56 24.96 -19.57 10.29
C GLY A 56 24.79 -20.12 8.89
N GLY A 57 23.55 -20.22 8.43
CA GLY A 57 23.23 -20.75 7.12
C GLY A 57 23.05 -19.70 6.04
N VAL A 58 23.52 -18.47 6.27
CA VAL A 58 23.59 -17.48 5.21
CA VAL A 58 23.60 -17.48 5.20
C VAL A 58 24.44 -18.05 4.07
N GLU A 59 24.08 -17.74 2.83
CA GLU A 59 24.69 -18.34 1.67
C GLU A 59 25.39 -17.29 0.81
N GLU A 60 26.54 -17.65 0.28
CA GLU A 60 27.33 -16.71 -0.50
C GLU A 60 27.11 -16.94 -2.00
N LEU A 61 26.82 -15.86 -2.72
CA LEU A 61 26.73 -15.95 -4.18
C LEU A 61 28.13 -16.05 -4.78
N VAL A 62 28.21 -16.70 -5.93
CA VAL A 62 29.47 -16.95 -6.61
C VAL A 62 29.62 -15.93 -7.72
N LYS A 63 30.78 -15.27 -7.76
CA LYS A 63 31.05 -14.24 -8.75
CA LYS A 63 31.05 -14.24 -8.75
C LYS A 63 31.70 -14.88 -9.97
N ASN A 64 31.24 -14.50 -11.16
CA ASN A 64 31.87 -14.93 -12.40
C ASN A 64 32.68 -13.77 -12.98
N ASP A 65 33.45 -14.07 -14.04
N ASP A 65 33.44 -14.07 -14.03
CA ASP A 65 34.34 -13.07 -14.61
CA ASP A 65 34.35 -13.09 -14.62
C ASP A 65 33.57 -11.86 -15.13
C ASP A 65 33.63 -11.96 -15.34
N THR A 66 32.31 -12.04 -15.50
CA THR A 66 31.53 -10.96 -16.10
C THR A 66 31.01 -9.94 -15.09
N GLY A 67 31.16 -10.20 -13.79
CA GLY A 67 30.60 -9.33 -12.77
C GLY A 67 29.29 -9.82 -12.19
N MET A 68 28.77 -10.93 -12.66
CA MET A 68 27.50 -11.45 -12.17
C MET A 68 27.75 -12.39 -10.99
N PHE A 69 27.14 -12.06 -9.87
CA PHE A 69 27.05 -12.98 -8.74
C PHE A 69 25.76 -13.78 -8.89
N SER A 70 25.85 -15.08 -8.60
N SER A 70 25.85 -15.08 -8.60
N SER A 70 25.85 -15.08 -8.58
CA SER A 70 24.65 -15.90 -8.66
CA SER A 70 24.71 -15.97 -8.73
CA SER A 70 24.69 -15.94 -8.73
C SER A 70 24.72 -17.04 -7.66
C SER A 70 24.73 -17.03 -7.63
C SER A 70 24.73 -17.06 -7.70
N ILE A 71 23.55 -17.55 -7.33
CA ILE A 71 23.40 -18.75 -6.50
C ILE A 71 22.09 -19.42 -6.89
N THR A 72 22.10 -20.75 -6.88
CA THR A 72 20.89 -21.55 -7.04
C THR A 72 20.71 -22.35 -5.77
N VAL A 73 19.51 -22.30 -5.20
CA VAL A 73 19.18 -22.98 -3.98
C VAL A 73 18.01 -23.93 -4.23
N GLY A 74 17.84 -24.88 -3.32
CA GLY A 74 16.68 -25.75 -3.37
C GLY A 74 17.00 -27.13 -3.90
N PRO A 75 15.98 -27.91 -4.27
CA PRO A 75 14.58 -27.50 -4.34
C PRO A 75 13.96 -27.01 -3.03
N LEU A 76 13.09 -26.03 -3.13
CA LEU A 76 12.37 -25.50 -1.98
C LEU A 76 10.95 -26.05 -1.95
N LYS A 77 10.44 -26.31 -0.75
CA LYS A 77 9.06 -26.71 -0.59
C LYS A 77 8.13 -25.54 -0.94
N PRO A 78 6.90 -25.82 -1.38
CA PRO A 78 5.97 -24.72 -1.62
C PRO A 78 5.74 -23.89 -0.38
N GLU A 79 5.87 -22.57 -0.53
CA GLU A 79 5.75 -21.60 0.54
C GLU A 79 6.05 -20.23 -0.05
N LEU A 80 5.75 -19.20 0.72
CA LEU A 80 6.23 -17.85 0.47
C LEU A 80 7.53 -17.69 1.25
N TYR A 81 8.59 -17.24 0.56
CA TYR A 81 9.89 -17.03 1.17
C TYR A 81 10.34 -15.59 0.99
N ALA A 82 10.73 -14.96 2.08
CA ALA A 82 11.32 -13.63 2.04
C ALA A 82 12.84 -13.73 2.05
N TYR A 83 13.50 -12.71 1.49
CA TYR A 83 14.94 -12.70 1.42
C TYR A 83 15.45 -11.28 1.19
N ASN A 84 16.76 -11.13 1.36
CA ASN A 84 17.49 -9.94 0.91
C ASN A 84 18.94 -10.36 0.69
N PHE A 85 19.69 -9.47 0.07
CA PHE A 85 21.12 -9.64 -0.11
C PHE A 85 21.87 -8.83 0.95
N THR A 86 23.17 -9.12 1.07
CA THR A 86 24.11 -8.29 1.79
C THR A 86 25.31 -8.11 0.88
N VAL A 87 25.63 -6.87 0.55
CA VAL A 87 26.71 -6.53 -0.37
C VAL A 87 27.79 -5.87 0.45
N ASP A 88 28.92 -6.54 0.61
CA ASP A 88 30.04 -6.01 1.37
C ASP A 88 29.56 -5.41 2.68
N GLY A 89 28.69 -6.16 3.36
CA GLY A 89 28.24 -5.81 4.69
C GLY A 89 27.01 -4.93 4.77
N VAL A 90 26.46 -4.49 3.64
CA VAL A 90 25.29 -3.61 3.62
C VAL A 90 24.09 -4.36 3.07
N LYS A 91 22.97 -4.29 3.77
CA LYS A 91 21.73 -4.88 3.27
C LYS A 91 21.34 -4.27 1.93
N ALA A 92 20.92 -5.12 0.99
CA ALA A 92 20.43 -4.65 -0.30
C ALA A 92 19.30 -5.54 -0.75
N LEU A 93 18.22 -4.93 -1.21
CA LEU A 93 17.13 -5.69 -1.80
C LEU A 93 17.48 -6.06 -3.24
N ASP A 94 16.64 -6.90 -3.81
CA ASP A 94 16.77 -7.39 -5.18
C ASP A 94 16.03 -6.42 -6.08
N ALA A 95 16.78 -5.57 -6.77
CA ALA A 95 16.18 -4.54 -7.62
C ALA A 95 15.44 -5.14 -8.81
N ASN A 96 15.61 -6.42 -9.10
CA ASN A 96 14.93 -7.08 -10.20
C ASN A 96 13.68 -7.83 -9.76
N ASN A 97 13.31 -7.75 -8.49
CA ASN A 97 12.12 -8.40 -7.96
C ASN A 97 11.18 -7.33 -7.39
N VAL A 98 10.06 -7.12 -8.07
CA VAL A 98 9.11 -6.09 -7.64
C VAL A 98 8.37 -6.45 -6.37
N GLN A 99 8.42 -7.70 -5.93
CA GLN A 99 7.69 -8.14 -4.73
C GLN A 99 8.51 -7.79 -3.50
N VAL A 100 7.98 -6.87 -2.69
CA VAL A 100 8.61 -6.35 -1.49
C VAL A 100 7.55 -6.31 -0.41
N ARG A 101 7.88 -6.81 0.78
CA ARG A 101 7.01 -6.76 1.96
C ARG A 101 7.68 -5.92 3.03
N ARG A 102 6.89 -5.55 4.04
CA ARG A 102 7.36 -4.75 5.16
C ARG A 102 6.86 -5.34 6.46
N ASP A 103 7.78 -5.61 7.40
CA ASP A 103 7.47 -6.04 8.76
C ASP A 103 7.98 -4.93 9.67
N GLY A 104 7.11 -3.98 10.03
CA GLY A 104 7.54 -2.85 10.82
C GLY A 104 8.47 -1.95 10.05
N THR A 105 9.75 -1.97 10.41
CA THR A 105 10.77 -1.25 9.65
C THR A 105 11.60 -2.15 8.74
N ASN A 106 11.35 -3.45 8.72
N ASN A 106 11.32 -3.45 8.71
CA ASN A 106 12.17 -4.42 7.98
CA ASN A 106 12.15 -4.42 7.99
C ASN A 106 11.53 -4.71 6.64
C ASN A 106 11.53 -4.74 6.63
N TYR A 107 12.14 -4.22 5.57
CA TYR A 107 11.71 -4.52 4.22
C TYR A 107 12.51 -5.69 3.66
N GLN A 108 11.83 -6.62 2.99
CA GLN A 108 12.48 -7.73 2.31
C GLN A 108 11.73 -8.04 1.03
N ASN A 109 12.45 -8.62 0.07
CA ASN A 109 11.76 -9.18 -1.08
C ASN A 109 11.11 -10.49 -0.71
N PHE A 110 10.24 -10.98 -1.60
CA PHE A 110 9.70 -12.31 -1.43
C PHE A 110 9.38 -12.93 -2.78
N PHE A 111 9.14 -14.24 -2.75
CA PHE A 111 8.61 -14.97 -3.89
C PHE A 111 7.80 -16.12 -3.32
N ILE A 112 7.00 -16.73 -4.17
CA ILE A 112 6.14 -17.83 -3.74
C ILE A 112 6.39 -19.02 -4.66
N ILE A 113 6.80 -20.14 -4.07
CA ILE A 113 7.01 -21.39 -4.79
C ILE A 113 5.64 -22.04 -4.91
N PRO A 114 5.12 -22.24 -6.13
N PRO A 114 5.18 -22.36 -6.12
CA PRO A 114 3.78 -22.84 -6.25
CA PRO A 114 3.81 -22.88 -6.28
C PRO A 114 3.73 -24.26 -5.73
C PRO A 114 3.71 -24.31 -5.80
N GLY A 115 2.55 -24.64 -5.25
CA GLY A 115 2.26 -25.97 -4.82
C GLY A 115 1.15 -25.95 -3.82
N PRO A 116 0.79 -27.13 -3.31
CA PRO A 116 -0.39 -27.21 -2.45
C PRO A 116 -0.33 -26.30 -1.23
N GLU A 117 0.82 -26.23 -0.59
CA GLU A 117 0.93 -25.51 0.67
C GLU A 117 0.89 -23.99 0.50
N SER A 118 1.18 -23.47 -0.69
CA SER A 118 1.26 -22.03 -0.90
C SER A 118 0.13 -21.49 -1.74
N ASP A 119 -0.75 -22.35 -2.24
CA ASP A 119 -1.67 -21.92 -3.27
C ASP A 119 -2.56 -20.76 -2.81
N LEU A 120 -2.96 -20.75 -1.54
CA LEU A 120 -3.83 -19.67 -1.07
C LEU A 120 -3.14 -18.32 -1.04
N TYR A 121 -1.82 -18.27 -1.15
CA TYR A 121 -1.10 -17.02 -0.97
C TYR A 121 -0.96 -16.22 -2.26
N PHE A 122 -1.33 -16.80 -3.39
CA PHE A 122 -1.20 -16.13 -4.68
C PHE A 122 -2.39 -15.21 -4.93
N HIS A 123 -2.10 -14.10 -5.59
CA HIS A 123 -3.15 -13.26 -6.14
C HIS A 123 -3.47 -13.82 -7.52
N LYS A 124 -4.66 -14.39 -7.66
N LYS A 124 -4.65 -14.42 -7.66
CA LYS A 124 -5.05 -15.10 -8.87
CA LYS A 124 -5.02 -15.12 -8.89
C LYS A 124 -5.94 -14.23 -9.75
C LYS A 124 -5.92 -14.24 -9.74
N ASN A 125 -5.62 -14.18 -11.04
CA ASN A 125 -6.42 -13.36 -11.93
C ASN A 125 -7.80 -13.96 -12.22
N ASN A 126 -8.06 -15.22 -11.92
CA ASN A 126 -9.37 -15.81 -12.18
C ASN A 126 -10.26 -15.90 -10.95
N VAL A 127 -9.98 -15.09 -9.92
CA VAL A 127 -10.69 -15.14 -8.65
C VAL A 127 -11.25 -13.74 -8.38
N PRO A 128 -12.52 -13.61 -8.00
CA PRO A 128 -13.04 -12.29 -7.63
C PRO A 128 -12.32 -11.75 -6.40
N HIS A 129 -12.04 -10.45 -6.39
CA HIS A 129 -11.22 -9.85 -5.33
C HIS A 129 -12.00 -8.90 -4.44
N GLY A 130 -11.82 -9.08 -3.13
CA GLY A 130 -12.42 -8.20 -2.17
C GLY A 130 -11.69 -6.88 -2.04
N THR A 131 -12.43 -5.87 -1.61
CA THR A 131 -11.89 -4.54 -1.38
C THR A 131 -11.10 -4.48 -0.09
N VAL A 132 -10.02 -3.70 -0.11
CA VAL A 132 -9.27 -3.35 1.09
C VAL A 132 -9.42 -1.85 1.29
N THR A 133 -9.98 -1.46 2.43
CA THR A 133 -10.27 -0.08 2.76
C THR A 133 -9.39 0.35 3.92
N LYS A 134 -8.67 1.46 3.75
CA LYS A 134 -7.83 2.04 4.80
C LYS A 134 -8.61 3.21 5.35
N VAL A 135 -9.25 3.00 6.50
CA VAL A 135 -10.27 3.91 7.01
C VAL A 135 -9.85 4.41 8.40
N TRP A 136 -10.13 5.68 8.65
CA TRP A 136 -9.88 6.33 9.93
C TRP A 136 -11.15 6.42 10.75
N TYR A 137 -11.01 6.37 12.06
CA TYR A 137 -12.16 6.41 12.96
C TYR A 137 -11.75 7.14 14.22
N LYS A 138 -12.72 7.79 14.84
CA LYS A 138 -12.48 8.44 16.12
C LYS A 138 -12.43 7.40 17.21
N SER A 139 -11.58 7.64 18.21
CA SER A 139 -11.48 6.74 19.35
C SER A 139 -11.72 7.53 20.64
N SER A 140 -12.90 7.33 21.22
CA SER A 140 -13.20 7.91 22.52
C SER A 140 -12.25 7.42 23.61
N VAL A 141 -11.80 6.18 23.49
CA VAL A 141 -10.97 5.59 24.54
C VAL A 141 -9.54 6.10 24.46
N ILE A 142 -8.97 6.11 23.26
CA ILE A 142 -7.57 6.47 23.09
C ILE A 142 -7.39 7.99 22.94
N GLY A 143 -8.36 8.69 22.38
CA GLY A 143 -8.36 10.14 22.37
C GLY A 143 -7.88 10.80 21.09
N PHE A 144 -7.63 10.02 20.05
CA PHE A 144 -7.25 10.56 18.75
C PHE A 144 -7.70 9.57 17.69
N ASP A 145 -7.79 10.07 16.46
N ASP A 145 -7.81 10.07 16.45
CA ASP A 145 -8.28 9.24 15.36
CA ASP A 145 -8.25 9.25 15.35
C ASP A 145 -7.20 8.24 14.95
C ASP A 145 -7.17 8.22 15.01
N ARG A 146 -7.62 7.05 14.57
CA ARG A 146 -6.71 5.97 14.23
C ARG A 146 -7.15 5.31 12.92
N ARG A 147 -6.23 4.58 12.32
CA ARG A 147 -6.45 3.93 11.03
C ARG A 147 -6.51 2.43 11.20
N MET A 148 -7.42 1.81 10.46
CA MET A 148 -7.49 0.36 10.36
C MET A 148 -7.68 -0.03 8.90
N TYR A 149 -7.41 -1.29 8.60
CA TYR A 149 -7.69 -1.85 7.28
C TYR A 149 -8.90 -2.76 7.39
N VAL A 150 -9.82 -2.65 6.45
CA VAL A 150 -11.02 -3.49 6.43
C VAL A 150 -11.08 -4.17 5.08
N TYR A 151 -11.12 -5.51 5.09
CA TYR A 151 -11.37 -6.31 3.91
C TYR A 151 -12.87 -6.60 3.84
N THR A 152 -13.47 -6.36 2.68
CA THR A 152 -14.83 -6.81 2.44
C THR A 152 -14.80 -7.84 1.33
N PRO A 153 -15.71 -8.81 1.35
CA PRO A 153 -15.64 -9.89 0.38
C PRO A 153 -15.98 -9.41 -1.02
N ALA A 154 -15.51 -10.18 -2.01
CA ALA A 154 -15.84 -9.87 -3.39
C ALA A 154 -17.35 -9.81 -3.56
N GLY A 155 -17.80 -8.81 -4.32
CA GLY A 155 -19.23 -8.63 -4.53
C GLY A 155 -19.96 -7.88 -3.43
N TYR A 156 -19.25 -7.44 -2.39
CA TYR A 156 -19.86 -6.59 -1.38
C TYR A 156 -20.50 -5.38 -2.03
N GLU A 157 -19.78 -4.73 -2.92
CA GLU A 157 -20.29 -3.56 -3.60
C GLU A 157 -21.43 -3.93 -4.53
N GLY A 158 -22.46 -3.11 -4.53
CA GLY A 158 -23.56 -3.25 -5.47
C GLY A 158 -24.67 -4.14 -5.01
N ASP A 159 -24.68 -4.52 -3.73
CA ASP A 159 -25.58 -5.51 -3.21
C ASP A 159 -25.99 -5.06 -1.82
N THR A 160 -26.97 -5.75 -1.25
CA THR A 160 -27.48 -5.41 0.07
C THR A 160 -27.18 -6.48 1.12
N GLN A 161 -26.53 -7.58 0.74
CA GLN A 161 -26.24 -8.64 1.69
C GLN A 161 -25.40 -8.10 2.83
N ARG A 162 -25.60 -8.65 4.02
CA ARG A 162 -24.82 -8.33 5.20
C ARG A 162 -23.95 -9.53 5.57
N TYR A 163 -22.82 -9.25 6.24
N TYR A 163 -22.82 -9.25 6.24
CA TYR A 163 -21.76 -10.24 6.44
CA TYR A 163 -21.78 -10.25 6.45
C TYR A 163 -21.28 -10.29 7.87
C TYR A 163 -21.35 -10.31 7.90
N PRO A 164 -20.88 -11.48 8.35
CA PRO A 164 -20.24 -11.57 9.66
C PRO A 164 -18.86 -10.94 9.60
N VAL A 165 -18.30 -10.69 10.79
CA VAL A 165 -17.09 -9.89 10.93
C VAL A 165 -16.04 -10.63 11.75
N PHE A 166 -14.81 -10.64 11.24
CA PHE A 166 -13.65 -11.27 11.86
C PHE A 166 -12.62 -10.19 12.16
N TYR A 167 -12.34 -9.97 13.45
CA TYR A 167 -11.35 -9.01 13.92
C TYR A 167 -10.01 -9.74 14.05
N LEU A 168 -9.00 -9.26 13.35
CA LEU A 168 -7.72 -9.97 13.18
C LEU A 168 -6.58 -9.08 13.61
N LEU A 169 -5.85 -9.50 14.64
N LEU A 169 -5.87 -9.49 14.66
CA LEU A 169 -4.95 -8.67 15.42
CA LEU A 169 -4.95 -8.63 15.39
C LEU A 169 -3.49 -9.09 15.25
C LEU A 169 -3.51 -9.08 15.18
N HIS A 170 -2.61 -8.11 15.03
CA HIS A 170 -1.19 -8.36 14.84
C HIS A 170 -0.45 -8.38 16.18
N GLY A 171 0.87 -8.61 16.12
CA GLY A 171 1.71 -8.69 17.28
C GLY A 171 2.65 -7.50 17.40
N ALA A 172 3.55 -7.59 18.39
CA ALA A 172 4.47 -6.48 18.62
C ALA A 172 5.30 -6.18 17.38
N GLY A 173 5.49 -4.88 17.12
CA GLY A 173 6.21 -4.44 15.95
C GLY A 173 5.34 -4.24 14.74
N GLY A 174 4.12 -4.77 14.75
CA GLY A 174 3.23 -4.68 13.62
C GLY A 174 2.37 -3.44 13.65
N ASP A 175 1.36 -3.45 12.80
CA ASP A 175 0.46 -2.32 12.58
C ASP A 175 -0.68 -2.84 11.72
N GLU A 176 -1.62 -1.95 11.38
CA GLU A 176 -2.83 -2.33 10.66
C GLU A 176 -2.57 -2.83 9.25
N ASP A 177 -1.37 -2.59 8.69
CA ASP A 177 -0.99 -3.07 7.38
C ASP A 177 -0.44 -4.50 7.41
N ALA A 178 -0.06 -5.01 8.57
CA ALA A 178 0.74 -6.23 8.65
C ALA A 178 0.01 -7.47 8.14
N TRP A 179 -1.25 -7.66 8.54
CA TRP A 179 -1.91 -8.91 8.16
C TRP A 179 -2.10 -8.99 6.66
N THR A 180 -2.34 -7.87 5.96
CA THR A 180 -2.39 -7.96 4.49
C THR A 180 -1.00 -8.07 3.88
N ASN A 181 -0.03 -7.32 4.40
CA ASN A 181 1.30 -7.27 3.79
C ASN A 181 2.08 -8.54 4.11
N MET A 182 2.35 -8.79 5.38
CA MET A 182 3.09 -9.98 5.80
C MET A 182 2.25 -11.24 5.75
N GLY A 183 0.95 -11.14 6.04
CA GLY A 183 0.09 -12.29 6.17
C GLY A 183 -0.68 -12.71 4.95
N ARG A 184 -0.61 -11.95 3.86
CA ARG A 184 -1.32 -12.27 2.64
C ARG A 184 -2.82 -12.42 2.87
N THR A 185 -3.39 -11.63 3.78
CA THR A 185 -4.79 -11.82 4.14
C THR A 185 -5.74 -11.62 2.97
N ALA A 186 -5.50 -10.63 2.12
CA ALA A 186 -6.44 -10.41 1.02
C ALA A 186 -6.46 -11.60 0.07
N GLN A 187 -5.29 -12.19 -0.19
CA GLN A 187 -5.21 -13.34 -1.07
C GLN A 187 -5.82 -14.58 -0.41
N ILE A 188 -5.45 -14.83 0.84
CA ILE A 188 -5.98 -15.99 1.54
C ILE A 188 -7.50 -15.93 1.59
N MET A 189 -8.04 -14.76 1.96
CA MET A 189 -9.50 -14.63 2.04
C MET A 189 -10.14 -14.69 0.67
N ASP A 190 -9.58 -14.00 -0.33
CA ASP A 190 -10.16 -14.09 -1.66
C ASP A 190 -10.24 -15.53 -2.11
N ASN A 191 -9.16 -16.27 -1.90
CA ASN A 191 -9.08 -17.64 -2.39
C ASN A 191 -9.96 -18.57 -1.57
N LEU A 192 -9.95 -18.47 -0.24
CA LEU A 192 -10.82 -19.32 0.56
C LEU A 192 -12.28 -19.08 0.26
N ILE A 193 -12.68 -17.81 0.13
CA ILE A 193 -14.08 -17.50 -0.14
C ILE A 193 -14.47 -18.00 -1.53
N ALA A 194 -13.63 -17.73 -2.52
CA ALA A 194 -13.95 -18.19 -3.88
C ALA A 194 -14.01 -19.70 -3.96
N GLN A 195 -13.20 -20.39 -3.17
CA GLN A 195 -13.19 -21.84 -3.17
C GLN A 195 -14.32 -22.44 -2.37
N GLY A 196 -15.15 -21.61 -1.72
CA GLY A 196 -16.23 -22.12 -0.90
C GLY A 196 -15.78 -22.69 0.41
N LYS A 197 -14.54 -22.45 0.81
CA LYS A 197 -14.01 -23.03 2.05
C LYS A 197 -14.28 -22.16 3.26
N ALA A 198 -14.37 -20.85 3.07
CA ALA A 198 -14.75 -19.93 4.13
C ALA A 198 -15.97 -19.15 3.65
N LYS A 199 -16.81 -18.78 4.61
CA LYS A 199 -17.95 -17.93 4.30
C LYS A 199 -17.47 -16.53 3.95
N PRO A 200 -18.16 -15.85 3.03
N PRO A 200 -18.17 -15.83 3.06
CA PRO A 200 -17.90 -14.43 2.84
CA PRO A 200 -17.83 -14.42 2.82
C PRO A 200 -17.98 -13.70 4.19
C PRO A 200 -18.02 -13.62 4.11
N MET A 201 -16.99 -12.85 4.45
CA MET A 201 -16.92 -12.19 5.74
C MET A 201 -16.10 -10.92 5.58
N ILE A 202 -16.35 -9.98 6.49
CA ILE A 202 -15.57 -8.76 6.62
C ILE A 202 -14.42 -9.07 7.58
N VAL A 203 -13.21 -8.64 7.24
CA VAL A 203 -12.04 -8.85 8.09
C VAL A 203 -11.48 -7.49 8.48
N VAL A 204 -11.39 -7.25 9.78
CA VAL A 204 -11.01 -5.96 10.33
C VAL A 204 -9.65 -6.09 10.97
N MET A 205 -8.69 -5.33 10.48
CA MET A 205 -7.29 -5.40 10.91
C MET A 205 -6.92 -4.07 11.55
N THR A 206 -6.89 -4.05 12.88
CA THR A 206 -6.61 -2.87 13.66
C THR A 206 -5.10 -2.69 13.86
N ASN A 207 -4.75 -1.48 14.26
CA ASN A 207 -3.44 -1.17 14.82
C ASN A 207 -3.54 -1.39 16.33
N GLY A 208 -2.78 -2.36 16.82
CA GLY A 208 -2.83 -2.81 18.20
C GLY A 208 -1.92 -2.07 19.15
N ASN A 209 -1.29 -0.99 18.70
CA ASN A 209 -0.35 -0.20 19.50
C ASN A 209 -1.06 1.08 19.91
N ALA A 210 -1.55 1.14 21.16
CA ALA A 210 -2.45 2.22 21.53
C ALA A 210 -1.79 3.60 21.48
N ASN A 211 -0.46 3.65 21.47
CA ASN A 211 0.26 4.92 21.36
C ASN A 211 0.39 5.41 19.92
N GLN A 212 -0.02 4.61 18.95
CA GLN A 212 0.09 4.96 17.53
C GLN A 212 -1.28 5.30 16.97
N ALA A 213 -1.28 6.20 15.98
CA ALA A 213 -2.48 6.45 15.19
C ALA A 213 -2.55 5.57 13.96
N GLY A 214 -1.42 5.09 13.46
CA GLY A 214 -1.40 4.26 12.29
C GLY A 214 0.01 3.78 12.03
N ALA A 215 0.18 3.09 10.91
CA ALA A 215 1.43 2.40 10.61
C ALA A 215 2.58 3.39 10.41
N GLN A 216 3.73 3.08 11.01
CA GLN A 216 4.86 4.01 11.07
C GLN A 216 5.48 4.35 9.72
N ASN A 217 5.22 3.56 8.67
CA ASN A 217 5.75 3.92 7.36
C ASN A 217 4.97 5.04 6.70
N GLU A 218 3.79 5.37 7.22
CA GLU A 218 2.93 6.38 6.64
C GLU A 218 2.50 7.44 7.63
N VAL A 219 2.50 7.15 8.92
CA VAL A 219 1.88 8.00 9.93
C VAL A 219 2.92 8.31 10.99
N PRO A 220 3.19 9.58 11.29
CA PRO A 220 4.22 9.90 12.28
C PRO A 220 3.74 9.62 13.69
N PRO A 221 4.65 9.58 14.65
CA PRO A 221 4.25 9.40 16.05
C PRO A 221 3.30 10.49 16.52
N VAL A 222 2.43 10.13 17.44
CA VAL A 222 1.40 11.07 17.92
C VAL A 222 2.02 11.99 18.97
N PRO A 223 1.78 13.30 18.91
CA PRO A 223 2.29 14.23 19.91
C PRO A 223 1.40 14.25 21.16
N MET A 237 -0.78 3.03 29.07
CA MET A 237 -1.78 2.77 28.05
C MET A 237 -2.29 1.34 28.14
N THR A 238 -1.98 0.66 29.25
CA THR A 238 -2.38 -0.73 29.40
C THR A 238 -3.90 -0.86 29.39
N GLY A 239 -4.39 -1.79 28.59
CA GLY A 239 -5.80 -2.01 28.46
C GLY A 239 -6.50 -1.12 27.46
N LYS A 240 -5.86 -0.04 26.99
CA LYS A 240 -6.58 0.93 26.15
C LYS A 240 -6.90 0.35 24.78
N PHE A 241 -5.97 -0.37 24.17
CA PHE A 241 -6.31 -0.96 22.88
C PHE A 241 -7.53 -1.87 23.00
N GLU A 242 -7.51 -2.74 24.02
CA GLU A 242 -8.58 -3.72 24.19
C GLU A 242 -9.92 -3.04 24.44
N GLU A 243 -9.94 -2.04 25.31
CA GLU A 243 -11.18 -1.30 25.57
C GLU A 243 -11.66 -0.59 24.30
N HIS A 244 -10.74 0.00 23.54
CA HIS A 244 -11.13 0.72 22.34
C HIS A 244 -11.65 -0.22 21.26
N LEU A 245 -11.18 -1.46 21.20
N LEU A 245 -11.16 -1.46 21.24
CA LEU A 245 -11.71 -2.34 20.17
CA LEU A 245 -11.64 -2.41 20.23
C LEU A 245 -13.20 -2.53 20.38
C LEU A 245 -13.13 -2.65 20.39
N VAL A 246 -13.60 -2.77 21.64
N VAL A 246 -13.61 -2.76 21.63
CA VAL A 246 -14.99 -3.04 21.96
CA VAL A 246 -15.01 -3.04 21.87
C VAL A 246 -15.83 -1.76 21.89
C VAL A 246 -15.87 -1.78 21.92
N LYS A 247 -15.32 -0.65 22.40
CA LYS A 247 -16.12 0.56 22.54
C LYS A 247 -16.09 1.46 21.30
N ASP A 248 -15.01 1.41 20.52
CA ASP A 248 -14.84 2.29 19.37
C ASP A 248 -14.85 1.54 18.04
N VAL A 249 -14.06 0.47 17.92
CA VAL A 249 -13.92 -0.20 16.62
C VAL A 249 -15.20 -0.93 16.24
N VAL A 250 -15.70 -1.81 17.12
CA VAL A 250 -16.86 -2.62 16.78
C VAL A 250 -18.06 -1.74 16.42
N PRO A 251 -18.41 -0.71 17.19
CA PRO A 251 -19.54 0.12 16.77
C PRO A 251 -19.31 0.81 15.44
N PHE A 252 -18.07 1.24 15.15
CA PHE A 252 -17.81 1.91 13.88
C PHE A 252 -18.02 0.95 12.72
N ILE A 253 -17.52 -0.28 12.86
CA ILE A 253 -17.71 -1.28 11.81
C ILE A 253 -19.19 -1.54 11.59
N GLU A 254 -19.94 -1.73 12.66
CA GLU A 254 -21.34 -2.11 12.51
C GLU A 254 -22.17 -0.97 11.95
N LYS A 255 -21.73 0.28 12.17
N LYS A 255 -21.75 0.27 12.18
CA LYS A 255 -22.46 1.44 11.67
CA LYS A 255 -22.45 1.43 11.65
C LYS A 255 -22.11 1.76 10.21
C LYS A 255 -22.14 1.65 10.18
N ASN A 256 -20.87 1.48 9.80
CA ASN A 256 -20.39 1.94 8.50
C ASN A 256 -20.16 0.84 7.48
N PHE A 257 -20.31 -0.42 7.87
CA PHE A 257 -20.26 -1.53 6.94
C PHE A 257 -21.53 -2.37 7.12
N ARG A 258 -21.86 -3.15 6.10
CA ARG A 258 -23.04 -3.99 6.10
C ARG A 258 -22.74 -5.27 6.88
N ALA A 259 -22.68 -5.11 8.19
CA ALA A 259 -22.27 -6.17 9.11
C ALA A 259 -23.45 -6.78 9.82
N LEU A 260 -23.50 -8.10 9.84
CA LEU A 260 -24.35 -8.81 10.77
C LEU A 260 -23.82 -8.56 12.17
N THR A 261 -24.69 -8.65 13.16
CA THR A 261 -24.29 -8.38 14.53
C THR A 261 -24.52 -9.60 15.39
N GLY A 262 -24.00 -9.53 16.62
CA GLY A 262 -24.17 -10.59 17.57
C GLY A 262 -23.01 -11.57 17.59
N LYS A 263 -22.88 -12.27 18.71
CA LYS A 263 -21.69 -13.08 18.96
C LYS A 263 -21.46 -14.14 17.89
N ASP A 264 -22.53 -14.78 17.40
CA ASP A 264 -22.33 -15.85 16.42
C ASP A 264 -21.90 -15.32 15.06
N ASN A 265 -21.94 -13.99 14.88
CA ASN A 265 -21.45 -13.33 13.68
C ASN A 265 -20.18 -12.55 13.93
N ARG A 266 -19.44 -12.89 14.97
N ARG A 266 -19.49 -12.81 15.05
CA ARG A 266 -18.27 -12.11 15.38
CA ARG A 266 -18.24 -12.15 15.38
C ARG A 266 -17.15 -13.04 15.81
C ARG A 266 -17.17 -13.18 15.68
N ALA A 267 -16.00 -12.95 15.12
CA ALA A 267 -14.82 -13.74 15.40
C ALA A 267 -13.68 -12.79 15.75
N ILE A 268 -12.73 -13.29 16.53
CA ILE A 268 -11.55 -12.51 16.88
C ILE A 268 -10.39 -13.47 17.01
N ALA A 269 -9.24 -13.08 16.43
CA ALA A 269 -8.02 -13.84 16.60
C ALA A 269 -6.84 -12.88 16.55
N GLY A 270 -5.72 -13.32 17.13
CA GLY A 270 -4.53 -12.50 17.08
C GLY A 270 -3.30 -13.33 17.34
N LEU A 271 -2.16 -12.82 16.88
CA LEU A 271 -0.87 -13.47 17.07
C LEU A 271 -0.06 -12.78 18.16
N SER A 272 0.59 -13.60 18.99
CA SER A 272 1.53 -13.10 20.00
C SER A 272 0.85 -12.03 20.86
N MET A 273 1.39 -10.81 20.94
CA MET A 273 0.71 -9.73 21.67
C MET A 273 -0.79 -9.68 21.34
N GLY A 274 -1.13 -9.82 20.05
CA GLY A 274 -2.52 -9.78 19.64
C GLY A 274 -3.33 -10.97 20.12
N GLY A 275 -2.67 -12.11 20.35
CA GLY A 275 -3.33 -13.22 21.01
C GLY A 275 -3.58 -12.96 22.48
N GLY A 276 -2.73 -12.17 23.11
CA GLY A 276 -3.02 -11.67 24.45
C GLY A 276 -4.19 -10.70 24.44
N HIS A 277 -4.19 -9.76 23.49
CA HIS A 277 -5.33 -8.87 23.33
C HIS A 277 -6.62 -9.65 23.15
N THR A 278 -6.58 -10.71 22.32
CA THR A 278 -7.76 -11.53 22.08
C THR A 278 -8.29 -12.13 23.37
N GLN A 279 -7.40 -12.66 24.20
CA GLN A 279 -7.81 -13.21 25.49
C GLN A 279 -8.43 -12.13 26.38
N THR A 280 -7.75 -10.99 26.51
CA THR A 280 -8.27 -9.93 27.37
C THR A 280 -9.64 -9.47 26.91
N ILE A 281 -9.79 -9.24 25.61
CA ILE A 281 -11.06 -8.74 25.08
C ILE A 281 -12.18 -9.74 25.35
N THR A 282 -11.93 -11.01 25.06
CA THR A 282 -13.00 -12.00 25.23
C THR A 282 -13.25 -12.30 26.70
N ASN A 283 -12.20 -12.38 27.52
CA ASN A 283 -12.40 -12.58 28.95
C ASN A 283 -13.20 -11.44 29.57
N ASP A 284 -12.97 -10.22 29.10
CA ASP A 284 -13.65 -9.07 29.67
C ASP A 284 -15.03 -8.84 29.08
N ASN A 285 -15.34 -9.48 27.96
CA ASN A 285 -16.61 -9.29 27.25
C ASN A 285 -17.15 -10.65 26.85
N PRO A 286 -17.49 -11.49 27.82
CA PRO A 286 -18.07 -12.79 27.48
C PRO A 286 -19.37 -12.58 26.76
N GLY A 287 -19.61 -13.38 25.73
CA GLY A 287 -20.82 -13.27 24.96
C GLY A 287 -20.76 -12.27 23.83
N MET A 288 -19.61 -11.65 23.57
N MET A 288 -19.61 -11.66 23.57
CA MET A 288 -19.46 -10.74 22.45
CA MET A 288 -19.48 -10.76 22.43
C MET A 288 -18.91 -11.43 21.22
C MET A 288 -18.91 -11.44 21.20
N PHE A 289 -18.08 -12.47 21.39
CA PHE A 289 -17.46 -13.17 20.27
C PHE A 289 -17.65 -14.66 20.47
N SER A 290 -18.14 -15.34 19.44
CA SER A 290 -18.33 -16.79 19.52
C SER A 290 -17.18 -17.60 18.94
N TYR A 291 -16.31 -16.98 18.15
CA TYR A 291 -15.20 -17.67 17.51
C TYR A 291 -13.94 -16.92 17.92
N ILE A 292 -13.02 -17.63 18.60
CA ILE A 292 -11.89 -17.03 19.25
C ILE A 292 -10.64 -17.81 18.87
N GLY A 293 -9.62 -17.12 18.37
CA GLY A 293 -8.37 -17.75 17.98
C GLY A 293 -7.18 -17.13 18.66
N VAL A 294 -6.34 -17.95 19.26
CA VAL A 294 -5.15 -17.49 19.97
C VAL A 294 -3.94 -18.11 19.28
N PHE A 295 -3.20 -17.30 18.53
CA PHE A 295 -2.08 -17.77 17.73
C PHE A 295 -0.77 -17.45 18.45
N SER A 296 0.02 -18.46 18.75
CA SER A 296 1.37 -18.26 19.27
C SER A 296 1.38 -17.37 20.50
N MET A 297 0.54 -17.72 21.48
CA MET A 297 0.46 -16.97 22.72
C MET A 297 -0.15 -17.86 23.79
N GLY A 298 0.26 -17.64 25.02
CA GLY A 298 -0.25 -18.38 26.15
C GLY A 298 -0.80 -17.46 27.21
N ILE A 299 -0.63 -17.91 28.46
CA ILE A 299 -1.21 -17.19 29.60
C ILE A 299 -0.43 -15.90 29.84
N MET A 300 -1.13 -14.91 30.36
CA MET A 300 -0.55 -13.59 30.61
C MET A 300 -0.46 -13.33 32.10
N GLU A 313 -5.33 -15.73 38.90
CA GLU A 313 -6.00 -15.00 39.97
C GLU A 313 -7.44 -15.49 40.13
N LYS A 314 -8.09 -15.09 41.22
CA LYS A 314 -9.50 -15.41 41.38
C LYS A 314 -10.33 -14.76 40.30
N GLU A 315 -9.95 -13.55 39.87
CA GLU A 315 -10.63 -12.91 38.76
C GLU A 315 -10.49 -13.73 37.49
N ARG A 316 -9.29 -14.25 37.24
CA ARG A 316 -9.08 -15.06 36.04
C ARG A 316 -10.04 -16.24 36.02
N ASP A 317 -10.17 -16.94 37.15
CA ASP A 317 -11.05 -18.10 37.18
C ASP A 317 -12.49 -17.70 36.99
N ALA A 318 -12.91 -16.58 37.58
CA ALA A 318 -14.28 -16.11 37.40
C ALA A 318 -14.55 -15.75 35.94
N LYS A 319 -13.58 -15.14 35.27
CA LYS A 319 -13.79 -14.79 33.88
C LYS A 319 -13.83 -16.02 33.00
N ILE A 320 -13.05 -17.06 33.32
CA ILE A 320 -13.16 -18.29 32.55
C ILE A 320 -14.54 -18.90 32.72
N GLU A 321 -15.05 -18.91 33.95
CA GLU A 321 -16.38 -19.47 34.18
C GLU A 321 -17.44 -18.70 33.40
N ALA A 322 -17.36 -17.37 33.37
CA ALA A 322 -18.35 -16.60 32.63
C ALA A 322 -18.21 -16.85 31.13
N LEU A 323 -16.97 -16.95 30.64
CA LEU A 323 -16.78 -17.23 29.22
C LEU A 323 -17.26 -18.65 28.89
N LYS A 324 -17.04 -19.58 29.81
CA LYS A 324 -17.47 -20.96 29.58
C LYS A 324 -18.96 -21.04 29.31
N LYS A 325 -19.75 -20.19 29.97
CA LYS A 325 -21.20 -20.20 29.89
C LYS A 325 -21.74 -19.28 28.79
N SER A 326 -20.87 -18.70 27.98
CA SER A 326 -21.23 -17.61 27.08
C SER A 326 -21.79 -18.07 25.73
N GLY A 327 -21.88 -19.37 25.49
CA GLY A 327 -22.40 -19.85 24.23
C GLY A 327 -21.44 -19.73 23.07
N TYR A 328 -20.15 -19.61 23.35
CA TYR A 328 -19.18 -19.56 22.29
C TYR A 328 -19.18 -20.87 21.51
N LYS A 329 -18.73 -20.79 20.27
CA LYS A 329 -18.76 -21.91 19.35
C LYS A 329 -17.39 -22.51 19.08
N LEU A 330 -16.31 -21.73 19.18
CA LEU A 330 -14.98 -22.22 18.91
C LEU A 330 -13.95 -21.41 19.69
N TYR A 331 -13.06 -22.10 20.38
CA TYR A 331 -11.88 -21.48 21.00
C TYR A 331 -10.70 -22.27 20.48
N TRP A 332 -9.91 -21.67 19.60
CA TRP A 332 -8.89 -22.38 18.82
C TRP A 332 -7.53 -21.81 19.20
N ILE A 333 -6.65 -22.67 19.70
CA ILE A 333 -5.33 -22.30 20.14
C ILE A 333 -4.35 -22.97 19.19
N ALA A 334 -3.48 -22.18 18.56
CA ALA A 334 -2.51 -22.70 17.60
C ALA A 334 -1.12 -22.22 17.98
N CYS A 335 -0.15 -23.11 17.97
CA CYS A 335 1.20 -22.75 18.37
C CYS A 335 2.19 -23.73 17.76
N GLY A 336 3.36 -23.21 17.40
CA GLY A 336 4.44 -24.05 16.91
C GLY A 336 5.20 -24.70 18.05
N LYS A 337 5.61 -25.94 17.80
CA LYS A 337 6.30 -26.73 18.84
C LYS A 337 7.62 -26.10 19.26
N ASP A 338 8.25 -25.35 18.36
CA ASP A 338 9.55 -24.74 18.62
C ASP A 338 9.45 -23.27 19.03
N ASP A 339 8.24 -22.76 19.24
CA ASP A 339 8.07 -21.39 19.69
C ASP A 339 8.47 -21.26 21.14
N PHE A 340 9.20 -20.20 21.47
CA PHE A 340 9.52 -19.93 22.86
C PHE A 340 8.27 -19.83 23.75
N VAL A 341 7.12 -19.46 23.18
CA VAL A 341 5.90 -19.34 23.98
CA VAL A 341 5.90 -19.34 23.98
C VAL A 341 5.21 -20.67 24.22
N TYR A 342 5.78 -21.78 23.73
CA TYR A 342 5.10 -23.08 23.81
C TYR A 342 4.64 -23.41 25.22
N GLN A 343 5.52 -23.28 26.22
CA GLN A 343 5.14 -23.68 27.56
C GLN A 343 4.01 -22.81 28.10
N SER A 344 4.04 -21.52 27.77
CA SER A 344 2.96 -20.63 28.21
CA SER A 344 2.96 -20.63 28.21
C SER A 344 1.64 -21.01 27.56
N ALA A 345 1.67 -21.46 26.30
CA ALA A 345 0.46 -21.93 25.66
C ALA A 345 -0.04 -23.21 26.29
N LEU A 346 0.87 -24.08 26.75
CA LEU A 346 0.45 -25.25 27.51
C LEU A 346 -0.22 -24.82 28.82
N THR A 347 0.34 -23.82 29.49
CA THR A 347 -0.30 -23.31 30.70
C THR A 347 -1.70 -22.80 30.42
N LEU A 348 -1.90 -22.10 29.30
CA LEU A 348 -3.24 -21.68 28.92
C LEU A 348 -4.16 -22.87 28.75
N ARG A 349 -3.72 -23.88 28.01
CA ARG A 349 -4.55 -25.07 27.82
C ARG A 349 -4.88 -25.73 29.14
N ASN A 350 -3.89 -25.83 30.04
CA ASN A 350 -4.14 -26.45 31.34
C ASN A 350 -5.14 -25.64 32.14
N THR A 351 -5.03 -24.31 32.08
CA THR A 351 -5.95 -23.46 32.85
C THR A 351 -7.38 -23.62 32.34
N LEU A 352 -7.55 -23.79 31.04
CA LEU A 352 -8.87 -24.07 30.50
C LEU A 352 -9.34 -25.47 30.87
N ASP A 353 -8.46 -26.47 30.79
CA ASP A 353 -8.82 -27.82 31.23
C ASP A 353 -9.32 -27.82 32.68
N LYS A 354 -8.70 -27.01 33.54
CA LYS A 354 -9.08 -26.97 34.96
C LYS A 354 -10.56 -26.63 35.11
N HIS A 355 -11.11 -25.86 34.18
CA HIS A 355 -12.50 -25.43 34.21
C HIS A 355 -13.38 -26.28 33.31
N ASN A 356 -12.83 -27.35 32.74
CA ASN A 356 -13.57 -28.15 31.76
C ASN A 356 -14.07 -27.27 30.63
N PHE A 357 -13.25 -26.30 30.24
CA PHE A 357 -13.55 -25.36 29.17
C PHE A 357 -13.05 -25.97 27.85
N LYS A 358 -13.96 -26.18 26.91
CA LYS A 358 -13.63 -26.88 25.67
C LYS A 358 -12.97 -25.95 24.66
N TYR A 359 -11.83 -26.39 24.14
CA TYR A 359 -11.10 -25.68 23.11
C TYR A 359 -10.58 -26.72 22.12
N VAL A 360 -10.04 -26.23 21.01
CA VAL A 360 -9.35 -27.07 20.04
C VAL A 360 -7.92 -26.57 19.94
N TYR A 361 -6.95 -27.48 20.01
CA TYR A 361 -5.53 -27.14 19.96
C TYR A 361 -4.93 -27.65 18.66
N ARG A 362 -4.23 -26.75 17.96
CA ARG A 362 -3.48 -27.06 16.75
C ARG A 362 -2.01 -26.82 17.05
N GLU A 363 -1.26 -27.89 17.19
CA GLU A 363 0.18 -27.78 17.32
C GLU A 363 0.78 -27.91 15.92
N SER A 364 1.70 -27.02 15.58
CA SER A 364 2.33 -27.06 14.28
C SER A 364 3.84 -27.24 14.43
N THR A 365 4.48 -27.54 13.30
CA THR A 365 5.92 -27.42 13.24
C THR A 365 6.33 -25.95 13.34
N GLY A 366 7.62 -25.74 13.60
CA GLY A 366 8.18 -24.41 13.54
C GLY A 366 7.91 -23.55 14.76
N GLY A 367 8.10 -22.25 14.57
CA GLY A 367 8.13 -21.32 15.67
C GLY A 367 7.29 -20.08 15.44
N HIS A 368 7.86 -18.95 15.86
CA HIS A 368 7.15 -17.68 16.01
C HIS A 368 7.30 -16.88 14.72
N THR A 369 6.59 -17.31 13.68
CA THR A 369 6.86 -16.82 12.33
C THR A 369 5.58 -16.49 11.58
N TRP A 370 5.71 -15.57 10.62
CA TRP A 370 4.62 -15.27 9.71
C TRP A 370 4.22 -16.46 8.86
N ALA A 371 5.15 -17.37 8.57
CA ALA A 371 4.76 -18.59 7.87
C ALA A 371 3.70 -19.35 8.67
N ASN A 372 3.92 -19.50 9.98
CA ASN A 372 2.90 -20.14 10.80
C ASN A 372 1.63 -19.30 10.91
N TRP A 373 1.75 -17.98 11.04
CA TRP A 373 0.54 -17.17 11.17
C TRP A 373 -0.31 -17.22 9.90
N ARG A 374 0.31 -17.29 8.72
CA ARG A 374 -0.46 -17.50 7.50
C ARG A 374 -1.19 -18.84 7.52
N ILE A 375 -0.50 -19.89 7.96
CA ILE A 375 -1.13 -21.21 8.07
C ILE A 375 -2.31 -21.15 9.02
N TYR A 376 -2.11 -20.50 10.17
CA TYR A 376 -3.18 -20.45 11.15
C TYR A 376 -4.40 -19.70 10.61
N LEU A 377 -4.18 -18.55 9.97
CA LEU A 377 -5.31 -17.86 9.35
C LEU A 377 -6.00 -18.76 8.35
N SER A 378 -5.22 -19.44 7.52
N SER A 378 -5.24 -19.45 7.52
CA SER A 378 -5.78 -20.29 6.47
CA SER A 378 -5.83 -20.26 6.46
C SER A 378 -6.65 -21.38 7.05
C SER A 378 -6.61 -21.45 7.01
N GLU A 379 -6.30 -21.92 8.23
CA GLU A 379 -7.07 -22.99 8.85
C GLU A 379 -8.22 -22.47 9.70
N PHE A 380 -8.06 -21.31 10.32
CA PHE A 380 -9.08 -20.78 11.22
C PHE A 380 -10.25 -20.17 10.44
N ALA A 381 -9.97 -19.42 9.38
CA ALA A 381 -11.06 -18.76 8.66
C ALA A 381 -12.12 -19.73 8.15
N PRO A 382 -11.78 -20.91 7.63
CA PRO A 382 -12.82 -21.87 7.23
C PRO A 382 -13.69 -22.38 8.35
N MET A 383 -13.28 -22.22 9.61
CA MET A 383 -14.06 -22.70 10.74
C MET A 383 -15.13 -21.69 11.15
N LEU A 384 -15.06 -20.47 10.67
CA LEU A 384 -15.86 -19.40 11.24
C LEU A 384 -17.28 -19.38 10.71
N PHE A 385 -18.22 -19.09 11.62
CA PHE A 385 -19.61 -18.77 11.28
C PHE A 385 -20.33 -19.98 10.74
N LYS A 386 -19.88 -21.15 11.19
CA LYS A 386 -20.52 -22.41 10.86
C LYS A 386 -20.98 -23.12 12.12
N ARG B 21 20.20 2.82 16.07
CA ARG B 21 21.23 3.68 16.63
C ARG B 21 21.83 4.61 15.57
N ILE B 22 21.53 4.36 14.30
CA ILE B 22 21.99 5.19 13.20
C ILE B 22 20.80 5.99 12.70
N ILE B 23 20.93 7.30 12.66
CA ILE B 23 19.90 8.17 12.12
C ILE B 23 20.24 8.49 10.67
N SER B 24 19.35 8.11 9.76
CA SER B 24 19.54 8.44 8.36
C SER B 24 18.16 8.41 7.70
N PRO B 25 17.75 9.47 7.00
CA PRO B 25 18.40 10.78 6.91
C PRO B 25 18.19 11.58 8.19
N GLU B 26 19.16 12.41 8.54
N GLU B 26 19.14 12.44 8.52
CA GLU B 26 19.02 13.35 9.65
CA GLU B 26 19.02 13.35 9.66
C GLU B 26 18.83 14.73 9.04
C GLU B 26 18.84 14.76 9.09
N ILE B 27 17.62 15.27 9.16
CA ILE B 27 17.32 16.60 8.66
C ILE B 27 17.70 17.58 9.75
N MET B 28 18.63 18.47 9.44
N MET B 28 18.64 18.48 9.43
CA MET B 28 19.17 19.39 10.42
CA MET B 28 19.19 19.42 10.39
C MET B 28 18.35 20.67 10.46
C MET B 28 18.27 20.61 10.51
N PRO B 29 18.51 21.48 11.50
CA PRO B 29 17.68 22.69 11.62
C PRO B 29 17.86 23.69 10.49
N ASP B 30 18.97 23.63 9.74
CA ASP B 30 19.20 24.52 8.61
C ASP B 30 18.83 23.89 7.28
N ASN B 31 18.13 22.75 7.30
CA ASN B 31 17.68 22.05 6.11
C ASN B 31 18.82 21.44 5.31
N LYS B 32 20.00 21.34 5.90
CA LYS B 32 20.95 20.34 5.45
C LYS B 32 20.46 18.96 5.89
N VAL B 33 20.93 17.92 5.19
CA VAL B 33 20.51 16.56 5.47
C VAL B 33 21.76 15.67 5.49
N THR B 34 21.89 14.88 6.54
CA THR B 34 23.01 13.94 6.67
C THR B 34 22.50 12.52 6.44
N PHE B 35 23.22 11.78 5.61
CA PHE B 35 22.93 10.39 5.32
C PHE B 35 24.08 9.55 5.83
N ARG B 36 23.77 8.35 6.30
CA ARG B 36 24.75 7.47 6.92
C ARG B 36 24.53 6.03 6.49
N VAL B 37 25.61 5.33 6.22
CA VAL B 37 25.61 3.90 5.90
C VAL B 37 26.76 3.29 6.66
N TYR B 38 26.51 2.19 7.37
CA TYR B 38 27.53 1.53 8.17
C TYR B 38 27.97 0.24 7.50
N SER B 39 29.28 0.12 7.28
CA SER B 39 29.88 -1.18 6.96
C SER B 39 31.40 -1.06 6.96
N LYS B 40 32.05 -1.84 7.81
CA LYS B 40 33.51 -1.89 7.79
C LYS B 40 34.03 -2.54 6.52
N ASP B 41 33.22 -3.33 5.83
CA ASP B 41 33.68 -4.11 4.69
C ASP B 41 33.41 -3.45 3.35
N ALA B 42 32.67 -2.37 3.30
CA ALA B 42 32.38 -1.73 2.03
C ALA B 42 33.51 -0.78 1.66
N SER B 43 33.72 -0.61 0.36
CA SER B 43 34.76 0.26 -0.16
C SER B 43 34.23 1.65 -0.50
N LYS B 44 33.09 1.72 -1.20
CA LYS B 44 32.59 2.97 -1.74
C LYS B 44 31.07 2.97 -1.61
N VAL B 45 30.52 4.09 -1.12
CA VAL B 45 29.08 4.29 -1.08
C VAL B 45 28.81 5.65 -1.68
N THR B 46 27.91 5.69 -2.65
CA THR B 46 27.45 6.95 -3.22
C THR B 46 25.95 7.11 -2.95
N ILE B 47 25.45 8.30 -3.21
CA ILE B 47 24.04 8.62 -3.07
C ILE B 47 23.56 9.29 -4.35
N THR B 48 22.37 8.87 -4.78
CA THR B 48 21.65 9.42 -5.91
C THR B 48 20.37 10.02 -5.35
N GLY B 49 20.11 11.29 -5.61
CA GLY B 49 18.96 11.95 -5.02
C GLY B 49 18.45 13.09 -5.88
N GLU B 50 17.21 13.48 -5.62
CA GLU B 50 16.50 14.41 -6.49
C GLU B 50 16.97 15.85 -6.36
N TRP B 51 17.84 16.16 -5.40
CA TRP B 51 18.44 17.48 -5.31
C TRP B 51 19.63 17.63 -6.25
N GLN B 52 20.06 16.55 -6.89
CA GLN B 52 21.24 16.56 -7.75
C GLN B 52 20.82 16.97 -9.16
N THR B 53 21.76 17.57 -9.87
CA THR B 53 21.53 17.96 -11.27
C THR B 53 22.16 16.90 -12.16
N GLY B 54 21.36 15.90 -12.55
CA GLY B 54 21.73 14.95 -13.58
C GLY B 54 22.52 13.75 -13.09
N PRO B 55 22.85 12.84 -14.02
CA PRO B 55 23.56 11.62 -13.62
C PRO B 55 24.98 11.89 -13.17
N GLY B 56 25.63 12.92 -13.71
CA GLY B 56 26.93 13.34 -13.25
C GLY B 56 26.86 14.07 -11.92
N GLY B 57 25.68 14.12 -11.31
CA GLY B 57 25.51 14.73 -10.02
C GLY B 57 25.56 13.78 -8.84
N VAL B 58 25.84 12.49 -9.05
CA VAL B 58 25.90 11.55 -7.93
C VAL B 58 27.05 11.93 -6.99
N GLU B 59 26.87 11.69 -5.70
CA GLU B 59 27.78 12.18 -4.68
C GLU B 59 28.33 11.03 -3.85
N GLU B 60 29.59 11.14 -3.44
CA GLU B 60 30.25 10.08 -2.69
C GLU B 60 30.20 10.36 -1.20
N LEU B 61 29.84 9.35 -0.42
CA LEU B 61 29.95 9.45 1.03
C LEU B 61 31.39 9.22 1.45
N VAL B 62 31.75 9.78 2.59
CA VAL B 62 33.10 9.67 3.12
C VAL B 62 33.09 8.64 4.23
N LYS B 63 34.05 7.72 4.21
CA LYS B 63 34.15 6.67 5.20
C LYS B 63 35.06 7.13 6.33
N ASN B 64 34.60 7.01 7.57
CA ASN B 64 35.47 7.28 8.71
C ASN B 64 36.21 6.00 9.10
N ASP B 65 37.07 6.10 10.11
N ASP B 65 37.06 6.10 10.11
CA ASP B 65 37.92 4.97 10.46
CA ASP B 65 37.93 4.99 10.48
C ASP B 65 37.13 3.81 11.07
C ASP B 65 37.21 3.91 11.29
N THR B 66 35.91 4.05 11.53
CA THR B 66 35.15 3.06 12.28
C THR B 66 34.08 2.37 11.43
N GLY B 67 34.05 2.63 10.12
CA GLY B 67 33.12 1.96 9.24
C GLY B 67 31.88 2.75 8.87
N MET B 68 31.74 3.97 9.35
CA MET B 68 30.57 4.79 9.02
C MET B 68 30.86 5.64 7.80
N PHE B 69 30.04 5.49 6.78
CA PHE B 69 30.04 6.38 5.62
C PHE B 69 29.00 7.47 5.86
N SER B 70 29.34 8.71 5.49
CA SER B 70 28.38 9.78 5.68
C SER B 70 28.56 10.87 4.64
N ILE B 71 27.49 11.63 4.42
CA ILE B 71 27.54 12.85 3.62
C ILE B 71 26.47 13.78 4.16
N THR B 72 26.75 15.08 4.12
CA THR B 72 25.77 16.11 4.42
C THR B 72 25.58 16.94 3.16
N VAL B 73 24.32 17.11 2.75
CA VAL B 73 24.00 17.90 1.57
C VAL B 73 23.12 19.06 1.99
N GLY B 74 23.05 20.06 1.11
CA GLY B 74 22.15 21.17 1.31
C GLY B 74 22.86 22.42 1.78
N PRO B 75 22.10 23.40 2.29
CA PRO B 75 20.66 23.31 2.55
C PRO B 75 19.79 23.04 1.33
N LEU B 76 18.73 22.29 1.54
CA LEU B 76 17.77 21.97 0.49
C LEU B 76 16.51 22.81 0.69
N LYS B 77 15.90 23.21 -0.42
CA LYS B 77 14.63 23.90 -0.37
C LYS B 77 13.54 22.95 0.10
N PRO B 78 12.49 23.46 0.73
CA PRO B 78 11.38 22.58 1.11
C PRO B 78 10.80 21.86 -0.09
N GLU B 79 10.66 20.54 0.05
CA GLU B 79 10.19 19.65 -1.01
C GLU B 79 10.29 18.24 -0.47
N LEU B 80 9.67 17.31 -1.19
CA LEU B 80 9.89 15.89 -1.01
C LEU B 80 10.99 15.46 -1.96
N TYR B 81 12.01 14.78 -1.42
CA TYR B 81 13.14 14.32 -2.19
C TYR B 81 13.27 12.81 -2.05
N ALA B 82 13.39 12.12 -3.17
CA ALA B 82 13.70 10.69 -3.19
C ALA B 82 15.18 10.45 -3.40
N TYR B 83 15.67 9.32 -2.92
CA TYR B 83 17.07 8.98 -3.02
C TYR B 83 17.29 7.48 -2.82
N ASN B 84 18.48 7.04 -3.17
CA ASN B 84 18.98 5.72 -2.79
C ASN B 84 20.49 5.79 -2.75
N PHE B 85 21.11 4.74 -2.22
CA PHE B 85 22.56 4.59 -2.23
C PHE B 85 22.98 3.62 -3.32
N THR B 86 24.29 3.60 -3.58
CA THR B 86 24.93 2.54 -4.36
C THR B 86 26.14 2.12 -3.53
N VAL B 87 26.18 0.85 -3.15
N VAL B 87 26.19 0.85 -3.16
CA VAL B 87 27.23 0.28 -2.32
CA VAL B 87 27.25 0.31 -2.32
C VAL B 87 28.04 -0.65 -3.22
C VAL B 87 28.05 -0.67 -3.15
N ASP B 88 29.31 -0.31 -3.44
CA ASP B 88 30.19 -1.16 -4.23
C ASP B 88 29.49 -1.65 -5.50
N GLY B 89 28.83 -0.71 -6.17
CA GLY B 89 28.21 -0.95 -7.45
C GLY B 89 26.79 -1.49 -7.42
N VAL B 90 26.19 -1.70 -6.25
CA VAL B 90 24.86 -2.29 -6.13
C VAL B 90 23.92 -1.27 -5.49
N LYS B 91 22.76 -1.07 -6.10
CA LYS B 91 21.75 -0.21 -5.49
C LYS B 91 21.37 -0.72 -4.11
N ALA B 92 21.27 0.21 -3.17
CA ALA B 92 20.82 -0.15 -1.83
C ALA B 92 19.96 0.98 -1.28
N LEU B 93 18.83 0.61 -0.71
CA LEU B 93 18.03 1.58 0.02
C LEU B 93 18.63 1.85 1.39
N ASP B 94 18.06 2.84 2.06
CA ASP B 94 18.49 3.28 3.38
C ASP B 94 17.70 2.47 4.39
N ALA B 95 18.36 1.48 5.00
CA ALA B 95 17.68 0.59 5.93
C ALA B 95 17.23 1.31 7.20
N ASN B 96 17.70 2.52 7.44
CA ASN B 96 17.29 3.28 8.61
C ASN B 96 16.19 4.29 8.32
N ASN B 97 15.67 4.31 7.10
CA ASN B 97 14.59 5.21 6.71
C ASN B 97 13.38 4.38 6.29
N VAL B 98 12.33 4.42 7.12
CA VAL B 98 11.13 3.65 6.83
C VAL B 98 10.32 4.19 5.66
N GLN B 99 10.61 5.41 5.21
N GLN B 99 10.61 5.41 5.22
CA GLN B 99 9.85 6.01 4.11
CA GLN B 99 9.87 6.03 4.11
C GLN B 99 10.40 5.51 2.78
C GLN B 99 10.42 5.50 2.79
N VAL B 100 9.58 4.76 2.06
CA VAL B 100 9.93 4.14 0.78
C VAL B 100 8.76 4.36 -0.15
N ARG B 101 9.04 4.80 -1.37
CA ARG B 101 8.02 4.94 -2.41
C ARG B 101 8.34 3.99 -3.55
N ARG B 102 7.36 3.80 -4.43
CA ARG B 102 7.49 2.93 -5.59
C ARG B 102 6.97 3.63 -6.83
N ASP B 103 7.81 3.71 -7.86
CA ASP B 103 7.46 4.24 -9.17
C ASP B 103 7.57 3.06 -10.15
N GLY B 104 6.46 2.36 -10.35
CA GLY B 104 6.50 1.18 -11.20
C GLY B 104 7.30 0.06 -10.56
N THR B 105 8.49 -0.22 -11.08
CA THR B 105 9.40 -1.16 -10.46
C THR B 105 10.54 -0.49 -9.68
N ASN B 106 10.59 0.84 -9.65
CA ASN B 106 11.71 1.56 -9.04
C ASN B 106 11.34 1.99 -7.62
N TYR B 107 11.96 1.36 -6.63
CA TYR B 107 11.79 1.75 -5.24
C TYR B 107 12.90 2.71 -4.82
N GLN B 108 12.52 3.75 -4.09
CA GLN B 108 13.48 4.69 -3.52
C GLN B 108 12.99 5.11 -2.14
N ASN B 109 13.93 5.51 -1.30
CA ASN B 109 13.55 6.19 -0.07
C ASN B 109 13.14 7.62 -0.37
N PHE B 110 12.53 8.27 0.61
CA PHE B 110 12.29 9.70 0.48
C PHE B 110 12.28 10.35 1.86
N PHE B 111 12.32 11.68 1.84
CA PHE B 111 12.14 12.50 3.02
C PHE B 111 11.53 13.81 2.56
N ILE B 112 10.98 14.55 3.51
CA ILE B 112 10.31 15.80 3.20
C ILE B 112 10.95 16.89 4.07
N ILE B 113 11.54 17.89 3.42
CA ILE B 113 12.11 19.04 4.11
C ILE B 113 10.93 19.96 4.42
N PRO B 114 10.68 20.29 5.67
CA PRO B 114 9.51 21.11 6.00
C PRO B 114 9.68 22.54 5.54
N GLY B 115 8.57 23.15 5.19
CA GLY B 115 8.55 24.54 4.81
C GLY B 115 7.30 24.82 4.02
N PRO B 116 7.15 26.06 3.58
CA PRO B 116 5.90 26.43 2.90
C PRO B 116 5.61 25.57 1.68
N GLU B 117 6.61 25.28 0.86
CA GLU B 117 6.36 24.59 -0.41
C GLU B 117 6.03 23.12 -0.25
N SER B 118 6.35 22.50 0.88
CA SER B 118 6.15 21.08 1.06
C SER B 118 5.05 20.76 2.07
N ASP B 119 4.45 21.77 2.68
CA ASP B 119 3.61 21.51 3.85
C ASP B 119 2.43 20.61 3.52
N LEU B 120 1.86 20.72 2.33
CA LEU B 120 0.71 19.89 1.97
C LEU B 120 1.06 18.42 1.84
N TYR B 121 2.35 18.07 1.74
CA TYR B 121 2.74 16.69 1.47
C TYR B 121 2.87 15.85 2.74
N PHE B 122 2.83 16.49 3.91
CA PHE B 122 2.95 15.77 5.17
C PHE B 122 1.65 15.13 5.59
N HIS B 123 1.76 13.97 6.23
CA HIS B 123 0.66 13.37 6.95
C HIS B 123 0.66 13.96 8.35
N LYS B 124 -0.35 14.76 8.66
CA LYS B 124 -0.43 15.50 9.91
C LYS B 124 -1.38 14.83 10.88
N ASN B 125 -0.95 14.68 12.13
CA ASN B 125 -1.80 13.98 13.08
C ASN B 125 -2.97 14.83 13.57
N ASN B 126 -2.98 16.13 13.35
CA ASN B 126 -4.11 16.93 13.82
C ASN B 126 -5.13 17.20 12.73
N VAL B 127 -5.08 16.46 11.63
CA VAL B 127 -5.91 16.71 10.45
C VAL B 127 -6.80 15.49 10.24
N PRO B 128 -8.11 15.65 10.08
CA PRO B 128 -8.96 14.49 9.75
C PRO B 128 -8.54 13.87 8.43
N HIS B 129 -8.56 12.54 8.39
CA HIS B 129 -8.03 11.82 7.22
C HIS B 129 -9.09 11.08 6.43
N GLY B 130 -9.04 11.25 5.11
CA GLY B 130 -9.93 10.53 4.23
C GLY B 130 -9.52 9.09 4.01
N THR B 131 -10.52 8.27 3.71
CA THR B 131 -10.31 6.86 3.42
C THR B 131 -9.72 6.67 2.04
N VAL B 132 -8.85 5.67 1.91
CA VAL B 132 -8.38 5.18 0.63
C VAL B 132 -8.86 3.76 0.48
N THR B 133 -9.65 3.51 -0.57
CA THR B 133 -10.26 2.22 -0.84
C THR B 133 -9.66 1.64 -2.11
N LYS B 134 -9.18 0.42 -2.01
CA LYS B 134 -8.63 -0.33 -3.14
C LYS B 134 -9.71 -1.30 -3.58
N VAL B 135 -10.44 -0.94 -4.63
CA VAL B 135 -11.68 -1.61 -4.99
C VAL B 135 -11.58 -2.17 -6.41
N TRP B 136 -12.13 -3.37 -6.60
CA TRP B 136 -12.19 -4.03 -7.89
C TRP B 136 -13.55 -3.83 -8.53
N TYR B 137 -13.58 -3.78 -9.85
CA TYR B 137 -14.81 -3.56 -10.59
C TYR B 137 -14.75 -4.34 -11.89
N LYS B 138 -15.92 -4.76 -12.36
CA LYS B 138 -16.02 -5.42 -13.67
C LYS B 138 -15.87 -4.39 -14.77
N SER B 139 -15.20 -4.77 -15.85
CA SER B 139 -15.08 -3.90 -17.01
C SER B 139 -15.65 -4.60 -18.24
N SER B 140 -16.82 -4.15 -18.68
CA SER B 140 -17.40 -4.67 -19.92
C SER B 140 -16.50 -4.37 -21.12
N VAL B 141 -15.81 -3.24 -21.09
CA VAL B 141 -15.03 -2.81 -22.24
C VAL B 141 -13.74 -3.60 -22.35
N ILE B 142 -13.03 -3.77 -21.23
CA ILE B 142 -11.74 -4.43 -21.25
C ILE B 142 -11.86 -5.94 -21.11
N GLY B 143 -12.88 -6.42 -20.41
CA GLY B 143 -13.19 -7.84 -20.39
C GLY B 143 -12.68 -8.60 -19.19
N PHE B 144 -12.13 -7.91 -18.19
CA PHE B 144 -11.75 -8.56 -16.94
C PHE B 144 -11.82 -7.53 -15.84
N ASP B 145 -11.85 -8.01 -14.59
CA ASP B 145 -11.98 -7.12 -13.45
C ASP B 145 -10.68 -6.37 -13.22
N ARG B 146 -10.80 -5.13 -12.78
CA ARG B 146 -9.64 -4.26 -12.58
C ARG B 146 -9.74 -3.56 -11.23
N ARG B 147 -8.61 -3.05 -10.76
CA ARG B 147 -8.53 -2.40 -9.46
C ARG B 147 -8.29 -0.91 -9.64
N MET B 148 -8.93 -0.11 -8.80
CA MET B 148 -8.67 1.31 -8.72
C MET B 148 -8.57 1.73 -7.26
N TYR B 149 -8.02 2.91 -7.02
CA TYR B 149 -7.99 3.48 -5.68
C TYR B 149 -8.98 4.64 -5.65
N VAL B 150 -9.77 4.71 -4.59
CA VAL B 150 -10.72 5.80 -4.41
C VAL B 150 -10.47 6.46 -3.06
N TYR B 151 -10.24 7.76 -3.10
CA TYR B 151 -10.15 8.59 -1.90
C TYR B 151 -11.51 9.21 -1.65
N THR B 152 -12.00 9.06 -0.42
CA THR B 152 -13.18 9.78 0.01
C THR B 152 -12.78 10.76 1.12
N PRO B 153 -13.46 11.89 1.22
CA PRO B 153 -13.02 12.92 2.15
C PRO B 153 -13.28 12.50 3.59
N ALA B 154 -12.55 13.13 4.50
CA ALA B 154 -12.75 12.86 5.91
C ALA B 154 -14.20 13.08 6.29
N GLY B 155 -14.72 12.20 7.14
CA GLY B 155 -16.11 12.27 7.55
C GLY B 155 -17.11 11.69 6.56
N TYR B 156 -16.65 11.17 5.42
CA TYR B 156 -17.55 10.50 4.50
C TYR B 156 -18.36 9.44 5.22
N GLU B 157 -17.68 8.62 6.02
CA GLU B 157 -18.33 7.57 6.78
C GLU B 157 -19.17 8.19 7.88
N GLY B 158 -20.41 7.72 7.99
CA GLY B 158 -21.26 8.14 9.07
C GLY B 158 -22.15 9.32 8.75
N ASP B 159 -22.13 9.78 7.51
CA ASP B 159 -22.92 10.92 7.08
C ASP B 159 -23.62 10.55 5.78
N THR B 160 -24.54 11.40 5.34
CA THR B 160 -25.33 11.15 4.13
C THR B 160 -24.98 12.07 2.98
N GLN B 161 -24.12 13.06 3.20
CA GLN B 161 -23.79 14.03 2.16
C GLN B 161 -23.20 13.34 0.93
N ARG B 162 -23.53 13.87 -0.25
CA ARG B 162 -22.90 13.47 -1.50
C ARG B 162 -21.82 14.46 -1.89
N TYR B 163 -20.89 14.00 -2.73
N TYR B 163 -20.89 13.99 -2.71
CA TYR B 163 -19.68 14.73 -3.04
CA TYR B 163 -19.69 14.75 -3.04
C TYR B 163 -19.39 14.72 -4.52
C TYR B 163 -19.45 14.75 -4.54
N PRO B 164 -18.82 15.80 -5.06
CA PRO B 164 -18.36 15.79 -6.45
C PRO B 164 -17.17 14.85 -6.60
N VAL B 165 -16.85 14.51 -7.84
CA VAL B 165 -15.88 13.45 -8.16
C VAL B 165 -14.82 13.98 -9.12
N PHE B 166 -13.58 13.69 -8.80
CA PHE B 166 -12.38 14.09 -9.55
C PHE B 166 -11.66 12.82 -9.97
N TYR B 167 -11.59 12.56 -11.27
CA TYR B 167 -10.87 11.42 -11.85
C TYR B 167 -9.45 11.87 -12.14
N LEU B 168 -8.47 11.15 -11.58
CA LEU B 168 -7.06 11.58 -11.58
C LEU B 168 -6.22 10.46 -12.17
N LEU B 169 -5.56 10.73 -13.30
N LEU B 169 -5.57 10.74 -13.31
CA LEU B 169 -4.97 9.73 -14.17
CA LEU B 169 -4.97 9.72 -14.16
C LEU B 169 -3.44 9.83 -14.18
C LEU B 169 -3.45 9.83 -14.16
N HIS B 170 -2.78 8.68 -14.08
CA HIS B 170 -1.32 8.63 -14.10
C HIS B 170 -0.80 8.52 -15.54
N GLY B 171 0.53 8.47 -15.66
CA GLY B 171 1.21 8.37 -16.93
C GLY B 171 1.84 7.00 -17.16
N ALA B 172 2.61 6.92 -18.24
CA ALA B 172 3.21 5.65 -18.61
C ALA B 172 4.13 5.16 -17.50
N GLY B 173 4.06 3.86 -17.23
CA GLY B 173 4.83 3.24 -16.17
C GLY B 173 4.13 3.21 -14.84
N GLY B 174 3.06 3.98 -14.68
CA GLY B 174 2.34 4.06 -13.44
C GLY B 174 1.24 3.02 -13.33
N ASP B 175 0.38 3.23 -12.35
CA ASP B 175 -0.70 2.30 -12.00
C ASP B 175 -1.58 3.04 -10.99
N GLU B 176 -2.63 2.37 -10.53
CA GLU B 176 -3.63 2.99 -9.66
C GLU B 176 -3.08 3.38 -8.30
N ASP B 177 -1.90 2.88 -7.91
CA ASP B 177 -1.25 3.24 -6.65
C ASP B 177 -0.41 4.51 -6.78
N ALA B 178 -0.10 4.97 -7.99
CA ALA B 178 0.95 5.98 -8.17
C ALA B 178 0.56 7.34 -7.59
N TRP B 179 -0.65 7.81 -7.84
CA TRP B 179 -0.98 9.16 -7.39
C TRP B 179 -0.95 9.27 -5.86
N THR B 180 -1.32 8.21 -5.13
CA THR B 180 -1.16 8.27 -3.67
C THR B 180 0.29 8.07 -3.26
N ASN B 181 0.99 7.12 -3.88
CA ASN B 181 2.35 6.77 -3.45
C ASN B 181 3.35 7.84 -3.88
N MET B 182 3.48 8.05 -5.19
CA MET B 182 4.39 9.05 -5.73
C MET B 182 3.86 10.48 -5.57
N GLY B 183 2.55 10.66 -5.69
CA GLY B 183 1.95 11.97 -5.73
C GLY B 183 1.45 12.53 -4.43
N ARG B 184 1.48 11.75 -3.34
CA ARG B 184 1.03 12.23 -2.04
C ARG B 184 -0.42 12.72 -2.07
N THR B 185 -1.26 12.08 -2.89
CA THR B 185 -2.62 12.59 -3.06
C THR B 185 -3.41 12.58 -1.76
N ALA B 186 -3.31 11.54 -0.94
CA ALA B 186 -4.11 11.51 0.27
C ALA B 186 -3.73 12.63 1.21
N GLN B 187 -2.44 12.93 1.31
CA GLN B 187 -2.00 14.02 2.17
C GLN B 187 -2.41 15.38 1.60
N ILE B 188 -2.16 15.59 0.31
CA ILE B 188 -2.53 16.86 -0.30
C ILE B 188 -4.02 17.12 -0.13
N MET B 189 -4.85 16.11 -0.42
CA MET B 189 -6.29 16.29 -0.30
C MET B 189 -6.71 16.46 1.14
N ASP B 190 -6.18 15.65 2.06
CA ASP B 190 -6.55 15.81 3.47
C ASP B 190 -6.25 17.22 3.92
N ASN B 191 -5.07 17.73 3.58
CA ASN B 191 -4.63 19.03 4.06
C ASN B 191 -5.41 20.16 3.39
N LEU B 192 -5.59 20.09 2.07
CA LEU B 192 -6.36 21.13 1.41
C LEU B 192 -7.79 21.18 1.91
N ILE B 193 -8.42 20.02 2.08
CA ILE B 193 -9.81 20.00 2.54
C ILE B 193 -9.90 20.50 3.97
N ALA B 194 -9.00 20.06 4.85
CA ALA B 194 -9.05 20.50 6.25
C ALA B 194 -8.77 21.99 6.37
N GLN B 195 -7.97 22.55 5.48
CA GLN B 195 -7.68 23.96 5.52
C GLN B 195 -8.79 24.80 4.90
N GLY B 196 -9.79 24.16 4.29
CA GLY B 196 -10.84 24.88 3.61
C GLY B 196 -10.46 25.40 2.24
N LYS B 197 -9.36 24.92 1.68
CA LYS B 197 -8.86 25.41 0.41
C LYS B 197 -9.41 24.65 -0.79
N ALA B 198 -9.84 23.41 -0.60
CA ALA B 198 -10.52 22.65 -1.63
C ALA B 198 -11.79 22.09 -1.03
N LYS B 199 -12.81 21.93 -1.86
CA LYS B 199 -14.04 21.33 -1.42
C LYS B 199 -13.83 19.84 -1.14
N PRO B 200 -14.53 19.29 -0.16
CA PRO B 200 -14.53 17.83 0.00
C PRO B 200 -14.99 17.20 -1.31
N MET B 201 -14.25 16.18 -1.74
CA MET B 201 -14.51 15.55 -3.02
C MET B 201 -13.97 14.13 -2.99
N ILE B 202 -14.54 13.29 -3.85
CA ILE B 202 -14.06 11.94 -4.08
C ILE B 202 -13.02 12.01 -5.19
N VAL B 203 -11.88 11.32 -5.01
CA VAL B 203 -10.82 11.32 -6.00
C VAL B 203 -10.60 9.88 -6.44
N VAL B 204 -10.75 9.64 -7.73
CA VAL B 204 -10.75 8.29 -8.31
C VAL B 204 -9.47 8.13 -9.12
N MET B 205 -8.64 7.17 -8.73
CA MET B 205 -7.33 6.95 -9.35
C MET B 205 -7.32 5.58 -10.02
N THR B 206 -7.48 5.58 -11.33
CA THR B 206 -7.56 4.37 -12.12
C THR B 206 -6.17 3.88 -12.52
N ASN B 207 -6.14 2.62 -12.96
CA ASN B 207 -5.01 2.04 -13.66
C ASN B 207 -5.26 2.31 -15.15
N GLY B 208 -4.39 3.10 -15.76
CA GLY B 208 -4.52 3.58 -17.12
C GLY B 208 -3.94 2.68 -18.18
N ASN B 209 -3.53 1.47 -17.81
CA ASN B 209 -2.87 0.53 -18.71
C ASN B 209 -3.88 -0.57 -18.99
N ALA B 210 -4.53 -0.51 -20.16
CA ALA B 210 -5.68 -1.38 -20.41
C ALA B 210 -5.31 -2.86 -20.44
N ASN B 211 -4.02 -3.20 -20.60
CA ASN B 211 -3.59 -4.59 -20.57
C ASN B 211 -3.39 -5.12 -19.16
N GLN B 212 -3.49 -4.28 -18.14
CA GLN B 212 -3.27 -4.66 -16.75
C GLN B 212 -4.59 -4.71 -16.02
N ALA B 213 -4.66 -5.61 -15.03
CA ALA B 213 -5.77 -5.62 -14.09
C ALA B 213 -5.50 -4.76 -12.88
N GLY B 214 -4.23 -4.55 -12.53
CA GLY B 214 -3.87 -3.77 -11.37
C GLY B 214 -2.37 -3.61 -11.31
N ALA B 215 -1.91 -3.00 -10.23
CA ALA B 215 -0.51 -2.61 -10.10
C ALA B 215 0.40 -3.83 -10.05
N GLN B 216 1.50 -3.75 -10.80
CA GLN B 216 2.38 -4.90 -11.00
C GLN B 216 3.08 -5.40 -9.75
N ASN B 217 3.14 -4.61 -8.68
CA ASN B 217 3.77 -5.10 -7.45
C ASN B 217 2.85 -6.02 -6.67
N GLU B 218 1.56 -6.05 -7.01
CA GLU B 218 0.58 -6.86 -6.32
C GLU B 218 -0.19 -7.81 -7.21
N VAL B 219 -0.33 -7.49 -8.49
CA VAL B 219 -1.26 -8.17 -9.39
C VAL B 219 -0.46 -8.70 -10.58
N PRO B 220 -0.54 -9.99 -10.89
CA PRO B 220 0.24 -10.53 -12.02
C PRO B 220 -0.33 -10.09 -13.35
N PRO B 221 0.45 -10.20 -14.42
CA PRO B 221 -0.07 -9.90 -15.76
C PRO B 221 -1.27 -10.78 -16.11
N VAL B 222 -2.15 -10.24 -16.96
CA VAL B 222 -3.38 -10.96 -17.30
C VAL B 222 -3.17 -11.84 -18.54
N PRO B 223 -3.76 -13.04 -18.58
CA PRO B 223 -3.75 -13.88 -19.80
C PRO B 223 -4.68 -13.31 -20.86
N THR B 238 -5.77 2.09 -29.62
CA THR B 238 -6.59 1.20 -28.79
C THR B 238 -7.84 1.91 -28.27
N GLY B 239 -7.66 2.88 -27.36
CA GLY B 239 -8.80 3.60 -26.85
C GLY B 239 -9.61 2.85 -25.82
N LYS B 240 -9.20 1.65 -25.42
CA LYS B 240 -10.00 0.85 -24.49
C LYS B 240 -10.01 1.47 -23.10
N PHE B 241 -8.87 1.99 -22.61
CA PHE B 241 -8.90 2.60 -21.31
C PHE B 241 -9.91 3.75 -21.27
N GLU B 242 -9.86 4.61 -22.29
CA GLU B 242 -10.71 5.80 -22.30
C GLU B 242 -12.18 5.42 -22.37
N GLU B 243 -12.52 4.45 -23.22
CA GLU B 243 -13.90 3.99 -23.31
C GLU B 243 -14.35 3.39 -21.98
N HIS B 244 -13.47 2.59 -21.35
CA HIS B 244 -13.85 1.96 -20.09
C HIS B 244 -14.02 2.97 -18.98
N LEU B 245 -13.28 4.09 -19.00
CA LEU B 245 -13.46 5.06 -17.93
C LEU B 245 -14.89 5.57 -17.93
N VAL B 246 -15.40 5.88 -19.13
CA VAL B 246 -16.74 6.44 -19.24
C VAL B 246 -17.82 5.39 -19.06
N LYS B 247 -17.62 4.18 -19.61
CA LYS B 247 -18.69 3.19 -19.62
C LYS B 247 -18.68 2.29 -18.39
N ASP B 248 -17.52 2.09 -17.76
CA ASP B 248 -17.39 1.17 -16.64
C ASP B 248 -17.05 1.88 -15.34
N VAL B 249 -16.03 2.75 -15.33
CA VAL B 249 -15.59 3.36 -14.08
C VAL B 249 -16.62 4.35 -13.55
N VAL B 250 -17.01 5.33 -14.37
CA VAL B 250 -17.92 6.36 -13.90
C VAL B 250 -19.21 5.74 -13.36
N PRO B 251 -19.88 4.83 -14.06
CA PRO B 251 -21.09 4.23 -13.48
C PRO B 251 -20.83 3.49 -12.19
N PHE B 252 -19.69 2.79 -12.07
CA PHE B 252 -19.40 2.08 -10.83
C PHE B 252 -19.25 3.05 -9.66
N ILE B 253 -18.52 4.15 -9.88
CA ILE B 253 -18.35 5.14 -8.83
C ILE B 253 -19.71 5.72 -8.43
N GLU B 254 -20.54 6.05 -9.41
CA GLU B 254 -21.79 6.72 -9.09
C GLU B 254 -22.77 5.77 -8.42
N LYS B 255 -22.66 4.48 -8.69
CA LYS B 255 -23.53 3.49 -8.05
C LYS B 255 -23.08 3.19 -6.62
N ASN B 256 -21.78 3.13 -6.37
CA ASN B 256 -21.25 2.56 -5.14
C ASN B 256 -20.66 3.58 -4.18
N PHE B 257 -20.60 4.84 -4.57
CA PHE B 257 -20.19 5.92 -3.70
C PHE B 257 -21.26 6.99 -3.73
N ARG B 258 -21.27 7.83 -2.69
CA ARG B 258 -22.26 8.91 -2.57
C ARG B 258 -21.76 10.10 -3.39
N ALA B 259 -21.95 9.98 -4.70
CA ALA B 259 -21.42 10.93 -5.68
C ALA B 259 -22.52 11.85 -6.20
N LEU B 260 -22.25 13.16 -6.19
CA LEU B 260 -22.99 14.08 -7.04
C LEU B 260 -22.58 13.80 -8.47
N THR B 261 -23.46 14.15 -9.42
CA THR B 261 -23.27 13.79 -10.81
C THR B 261 -23.56 14.96 -11.73
N GLY B 262 -23.28 14.76 -13.02
CA GLY B 262 -23.35 15.81 -14.01
C GLY B 262 -22.05 16.58 -14.10
N LYS B 263 -21.90 17.31 -15.21
CA LYS B 263 -20.59 17.87 -15.53
C LYS B 263 -20.08 18.82 -14.45
N ASP B 264 -20.96 19.61 -13.83
CA ASP B 264 -20.47 20.60 -12.87
C ASP B 264 -19.98 19.95 -11.57
N ASN B 265 -20.28 18.67 -11.39
CA ASN B 265 -19.78 17.88 -10.28
C ASN B 265 -18.72 16.88 -10.71
N ARG B 266 -18.11 17.07 -11.86
CA ARG B 266 -17.19 16.08 -12.40
C ARG B 266 -15.95 16.75 -12.97
N ALA B 267 -14.78 16.34 -12.47
CA ALA B 267 -13.49 16.84 -12.92
C ALA B 267 -12.63 15.68 -13.38
N ILE B 268 -11.69 15.97 -14.26
CA ILE B 268 -10.74 14.96 -14.74
C ILE B 268 -9.42 15.65 -15.02
N ALA B 269 -8.31 15.01 -14.62
CA ALA B 269 -6.99 15.49 -14.96
C ALA B 269 -6.05 14.31 -15.06
N GLY B 270 -4.95 14.51 -15.79
CA GLY B 270 -3.96 13.47 -15.90
C GLY B 270 -2.63 14.01 -16.36
N LEU B 271 -1.59 13.24 -16.09
CA LEU B 271 -0.22 13.61 -16.45
C LEU B 271 0.28 12.78 -17.64
N SER B 272 0.93 13.46 -18.58
CA SER B 272 1.55 12.83 -19.75
C SER B 272 0.56 11.90 -20.47
N MET B 273 0.83 10.60 -20.55
CA MET B 273 -0.15 9.69 -21.15
C MET B 273 -1.55 9.92 -20.60
N GLY B 274 -1.65 10.15 -19.30
CA GLY B 274 -2.95 10.40 -18.69
C GLY B 274 -3.54 11.74 -19.06
N GLY B 275 -2.69 12.72 -19.39
CA GLY B 275 -3.19 13.96 -19.97
C GLY B 275 -3.72 13.75 -21.37
N GLY B 276 -3.13 12.81 -22.11
CA GLY B 276 -3.72 12.40 -23.37
C GLY B 276 -5.06 11.71 -23.18
N HIS B 277 -5.13 10.77 -22.24
CA HIS B 277 -6.39 10.13 -21.92
C HIS B 277 -7.43 11.19 -21.58
N THR B 278 -7.05 12.18 -20.79
CA THR B 278 -7.98 13.24 -20.39
C THR B 278 -8.55 13.96 -21.61
N GLN B 279 -7.69 14.30 -22.57
CA GLN B 279 -8.16 14.95 -23.80
C GLN B 279 -9.08 14.04 -24.59
N THR B 280 -8.70 12.78 -24.76
CA THR B 280 -9.53 11.87 -25.54
C THR B 280 -10.90 11.70 -24.90
N ILE B 281 -10.92 11.48 -23.58
CA ILE B 281 -12.19 11.27 -22.88
C ILE B 281 -13.10 12.48 -23.01
N THR B 282 -12.55 13.67 -22.75
CA THR B 282 -13.38 14.87 -22.78
C THR B 282 -13.78 15.23 -24.22
N ASN B 283 -12.86 15.08 -25.17
CA ASN B 283 -13.19 15.36 -26.57
C ASN B 283 -14.26 14.41 -27.10
N ASP B 284 -14.24 13.15 -26.64
CA ASP B 284 -15.21 12.16 -27.11
C ASP B 284 -16.52 12.23 -26.34
N ASN B 285 -16.56 12.95 -25.22
CA ASN B 285 -17.76 13.08 -24.39
C ASN B 285 -17.93 14.53 -23.99
N PRO B 286 -18.12 15.42 -24.97
CA PRO B 286 -18.29 16.83 -24.63
C PRO B 286 -19.49 17.01 -23.73
N GLY B 287 -19.35 17.87 -22.73
CA GLY B 287 -20.40 18.11 -21.78
C GLY B 287 -20.45 17.14 -20.61
N MET B 288 -19.48 16.23 -20.50
CA MET B 288 -19.43 15.29 -19.38
C MET B 288 -18.59 15.79 -18.22
N PHE B 289 -17.61 16.66 -18.48
CA PHE B 289 -16.73 17.16 -17.44
C PHE B 289 -16.66 18.69 -17.52
N SER B 290 -16.83 19.36 -16.38
CA SER B 290 -16.69 20.81 -16.37
C SER B 290 -15.31 21.31 -16.00
N TYR B 291 -14.48 20.47 -15.38
CA TYR B 291 -13.15 20.85 -14.94
C TYR B 291 -12.18 19.85 -15.51
N ILE B 292 -11.22 20.34 -16.30
CA ILE B 292 -10.35 19.49 -17.10
C ILE B 292 -8.92 19.97 -16.90
N GLY B 293 -8.03 19.07 -16.51
CA GLY B 293 -6.63 19.39 -16.30
C GLY B 293 -5.70 18.55 -17.14
N VAL B 294 -4.80 19.19 -17.86
CA VAL B 294 -3.87 18.53 -18.75
C VAL B 294 -2.47 18.85 -18.25
N PHE B 295 -1.82 17.88 -17.60
CA PHE B 295 -0.53 18.08 -16.96
C PHE B 295 0.56 17.48 -17.86
N SER B 296 1.52 18.30 -18.27
CA SER B 296 2.71 17.82 -18.99
C SER B 296 2.33 17.00 -20.21
N MET B 297 1.45 17.56 -21.05
CA MET B 297 1.00 16.91 -22.27
C MET B 297 0.54 17.98 -23.25
N GLY B 298 0.74 17.71 -24.54
CA GLY B 298 0.30 18.63 -25.58
C GLY B 298 -0.65 18.01 -26.57
N ILE B 299 -0.47 18.36 -27.85
CA ILE B 299 -1.32 17.87 -28.92
C ILE B 299 -1.34 16.35 -29.01
N MET B 300 -2.51 15.82 -29.37
CA MET B 300 -2.72 14.39 -29.54
CA MET B 300 -2.67 14.38 -29.53
C MET B 300 -2.45 13.97 -30.98
N ALA B 301 -1.78 12.83 -31.14
CA ALA B 301 -1.56 12.27 -32.47
C ALA B 301 -2.80 11.56 -32.96
N GLY B 302 -3.00 11.57 -34.27
CA GLY B 302 -4.19 10.99 -34.88
C GLY B 302 -4.33 9.49 -34.72
N ALA B 307 -4.86 7.51 -42.04
CA ALA B 307 -5.36 8.84 -41.73
C ALA B 307 -4.46 9.96 -42.23
N ASP B 308 -5.05 10.90 -42.97
CA ASP B 308 -4.32 12.01 -43.53
C ASP B 308 -4.22 13.16 -42.54
N ALA B 309 -3.19 13.99 -42.71
CA ALA B 309 -2.98 15.12 -41.80
C ALA B 309 -4.18 16.06 -41.80
N GLU B 310 -4.76 16.30 -42.97
CA GLU B 310 -5.91 17.20 -43.06
C GLU B 310 -7.14 16.61 -42.37
N LYS B 311 -7.40 15.32 -42.56
CA LYS B 311 -8.57 14.71 -41.96
C LYS B 311 -8.46 14.70 -40.44
N ILE B 312 -7.27 14.43 -39.92
CA ILE B 312 -7.05 14.53 -38.48
C ILE B 312 -7.38 15.94 -38.00
N GLU B 313 -6.95 16.96 -38.73
CA GLU B 313 -7.21 18.33 -38.29
C GLU B 313 -8.69 18.66 -38.35
N LYS B 314 -9.42 18.14 -39.34
CA LYS B 314 -10.86 18.39 -39.40
C LYS B 314 -11.57 17.78 -38.19
N GLU B 315 -11.24 16.52 -37.86
CA GLU B 315 -11.83 15.90 -36.68
C GLU B 315 -11.41 16.64 -35.41
N ARG B 316 -10.14 17.03 -35.33
CA ARG B 316 -9.66 17.78 -34.17
C ARG B 316 -10.43 19.09 -34.02
N ASP B 317 -10.58 19.84 -35.13
CA ASP B 317 -11.33 21.09 -35.08
C ASP B 317 -12.76 20.86 -34.61
N ALA B 318 -13.42 19.82 -35.13
CA ALA B 318 -14.79 19.56 -34.74
C ALA B 318 -14.90 19.24 -33.27
N LYS B 319 -13.93 18.48 -32.74
CA LYS B 319 -13.96 18.15 -31.32
C LYS B 319 -13.69 19.38 -30.46
N ILE B 320 -12.79 20.27 -30.90
CA ILE B 320 -12.57 21.51 -30.16
C ILE B 320 -13.84 22.33 -30.12
N GLU B 321 -14.51 22.45 -31.27
CA GLU B 321 -15.69 23.30 -31.34
C GLU B 321 -16.81 22.75 -30.46
N ALA B 322 -17.03 21.44 -30.49
CA ALA B 322 -18.05 20.86 -29.63
C ALA B 322 -17.70 21.04 -28.15
N LEU B 323 -16.43 20.84 -27.80
CA LEU B 323 -16.04 21.02 -26.40
C LEU B 323 -16.13 22.50 -26.01
N LYS B 324 -15.75 23.39 -26.93
CA LYS B 324 -15.84 24.82 -26.66
C LYS B 324 -17.24 25.23 -26.24
N LYS B 325 -18.26 24.62 -26.86
CA LYS B 325 -19.65 24.98 -26.64
C LYS B 325 -20.32 24.14 -25.57
N SER B 326 -19.55 23.35 -24.83
CA SER B 326 -20.10 22.33 -23.94
C SER B 326 -20.46 22.85 -22.57
N GLY B 327 -20.15 24.10 -22.25
CA GLY B 327 -20.48 24.62 -20.93
C GLY B 327 -19.47 24.28 -19.86
N TYR B 328 -18.27 23.86 -20.25
CA TYR B 328 -17.25 23.57 -19.26
C TYR B 328 -16.89 24.86 -18.50
N LYS B 329 -16.30 24.68 -17.33
CA LYS B 329 -15.95 25.80 -16.47
C LYS B 329 -14.47 26.09 -16.40
N LEU B 330 -13.61 25.09 -16.55
CA LEU B 330 -12.17 25.29 -16.45
C LEU B 330 -11.46 24.26 -17.30
N TYR B 331 -10.54 24.74 -18.14
CA TYR B 331 -9.62 23.91 -18.91
C TYR B 331 -8.23 24.42 -18.55
N TRP B 332 -7.49 23.62 -17.77
CA TRP B 332 -6.26 24.06 -17.13
C TRP B 332 -5.11 23.23 -17.65
N ILE B 333 -4.14 23.89 -18.27
CA ILE B 333 -2.98 23.24 -18.89
C ILE B 333 -1.77 23.65 -18.06
N ALA B 334 -1.02 22.67 -17.57
CA ALA B 334 0.14 22.95 -16.74
C ALA B 334 1.33 22.17 -17.29
N CYS B 335 2.48 22.83 -17.40
CA CYS B 335 3.65 22.20 -17.99
C CYS B 335 4.91 22.88 -17.51
N GLY B 336 5.97 22.09 -17.32
CA GLY B 336 7.26 22.65 -16.98
C GLY B 336 7.97 23.18 -18.22
N LYS B 337 8.67 24.30 -18.03
CA LYS B 337 9.31 24.93 -19.17
C LYS B 337 10.46 24.10 -19.72
N ASP B 338 11.04 23.19 -18.92
CA ASP B 338 12.13 22.32 -19.37
C ASP B 338 11.66 20.94 -19.81
N ASP B 339 10.36 20.69 -19.85
CA ASP B 339 9.83 19.41 -20.28
C ASP B 339 9.99 19.24 -21.80
N PHE B 340 10.37 18.04 -22.23
CA PHE B 340 10.42 17.72 -23.65
CA PHE B 340 10.43 17.73 -23.65
C PHE B 340 9.11 18.03 -24.36
N VAL B 341 7.99 17.98 -23.64
CA VAL B 341 6.68 18.19 -24.27
C VAL B 341 6.33 19.67 -24.40
N TYR B 342 7.21 20.58 -23.99
N TYR B 342 7.20 20.58 -23.98
CA TYR B 342 6.87 21.99 -23.95
CA TYR B 342 6.88 22.00 -23.95
C TYR B 342 6.32 22.49 -25.30
C TYR B 342 6.33 22.50 -25.29
N GLN B 343 7.01 22.20 -26.38
CA GLN B 343 6.59 22.71 -27.69
C GLN B 343 5.27 22.12 -28.12
N SER B 344 5.01 20.86 -27.77
CA SER B 344 3.71 20.28 -28.11
C SER B 344 2.59 20.92 -27.30
N ALA B 345 2.87 21.26 -26.03
CA ALA B 345 1.86 21.97 -25.25
C ALA B 345 1.65 23.39 -25.75
N LEU B 346 2.72 24.04 -26.25
CA LEU B 346 2.54 25.34 -26.90
C LEU B 346 1.70 25.19 -28.17
N THR B 347 1.94 24.14 -28.94
CA THR B 347 1.12 23.91 -30.13
C THR B 347 -0.35 23.74 -29.75
N LEU B 348 -0.62 23.01 -28.67
CA LEU B 348 -1.99 22.86 -28.19
C LEU B 348 -2.59 24.22 -27.84
N ARG B 349 -1.88 25.01 -27.05
CA ARG B 349 -2.39 26.33 -26.67
C ARG B 349 -2.66 27.20 -27.88
N ASN B 350 -1.76 27.16 -28.86
CA ASN B 350 -1.96 27.98 -30.05
C ASN B 350 -3.20 27.54 -30.82
N THR B 351 -3.44 26.23 -30.90
CA THR B 351 -4.62 25.73 -31.59
C THR B 351 -5.88 26.15 -30.86
N LEU B 352 -5.86 26.08 -29.52
CA LEU B 352 -7.03 26.53 -28.78
C LEU B 352 -7.26 28.02 -28.98
N ASP B 353 -6.18 28.81 -29.00
CA ASP B 353 -6.31 30.24 -29.27
C ASP B 353 -6.99 30.47 -30.62
N LYS B 354 -6.62 29.70 -31.63
CA LYS B 354 -7.17 29.91 -32.97
C LYS B 354 -8.67 29.66 -32.98
N HIS B 355 -9.16 28.81 -32.08
CA HIS B 355 -10.58 28.54 -31.94
C HIS B 355 -11.26 29.42 -30.90
N ASN B 356 -10.56 30.41 -30.34
CA ASN B 356 -11.11 31.23 -29.26
C ASN B 356 -11.63 30.36 -28.12
N PHE B 357 -10.93 29.26 -27.87
CA PHE B 357 -11.27 28.33 -26.81
C PHE B 357 -10.53 28.78 -25.55
N LYS B 358 -11.29 29.06 -24.49
CA LYS B 358 -10.72 29.65 -23.28
C LYS B 358 -10.13 28.58 -22.38
N TYR B 359 -8.88 28.79 -21.99
CA TYR B 359 -8.16 27.90 -21.08
C TYR B 359 -7.31 28.78 -20.17
N VAL B 360 -6.75 28.16 -19.15
CA VAL B 360 -5.78 28.78 -18.26
C VAL B 360 -4.50 27.96 -18.36
N TYR B 361 -3.37 28.64 -18.51
CA TYR B 361 -2.07 27.98 -18.63
C TYR B 361 -1.21 28.32 -17.41
N ARG B 362 -0.65 27.27 -16.81
CA ARG B 362 0.30 27.39 -15.70
C ARG B 362 1.63 26.82 -16.18
N GLU B 363 2.60 27.68 -16.40
CA GLU B 363 3.94 27.25 -16.72
C GLU B 363 4.75 27.20 -15.43
N SER B 364 5.50 26.12 -15.24
CA SER B 364 6.31 25.99 -14.04
C SER B 364 7.78 25.83 -14.42
N THR B 365 8.63 25.97 -13.42
CA THR B 365 10.01 25.56 -13.56
C THR B 365 10.07 24.04 -13.71
N GLY B 366 11.22 23.57 -14.17
CA GLY B 366 11.48 22.15 -14.16
C GLY B 366 10.83 21.41 -15.32
N GLY B 367 10.76 20.10 -15.17
CA GLY B 367 10.42 19.24 -16.28
C GLY B 367 9.36 18.20 -15.95
N HIS B 368 9.61 16.99 -16.45
CA HIS B 368 8.63 15.90 -16.47
C HIS B 368 8.80 15.07 -15.20
N THR B 369 8.30 15.62 -14.08
CA THR B 369 8.62 15.07 -12.77
C THR B 369 7.41 15.02 -11.84
N TRP B 370 7.46 14.06 -10.92
CA TRP B 370 6.46 13.98 -9.87
C TRP B 370 6.46 15.20 -8.98
N ALA B 371 7.59 15.89 -8.83
CA ALA B 371 7.58 17.15 -8.09
C ALA B 371 6.63 18.13 -8.75
N ASN B 372 6.69 18.25 -10.07
CA ASN B 372 5.75 19.14 -10.74
C ASN B 372 4.32 18.60 -10.67
N TRP B 373 4.11 17.29 -10.82
CA TRP B 373 2.74 16.76 -10.78
C TRP B 373 2.10 16.96 -9.41
N ARG B 374 2.88 16.87 -8.33
CA ARG B 374 2.34 17.20 -7.01
C ARG B 374 1.94 18.67 -6.94
N ILE B 375 2.77 19.56 -7.47
CA ILE B 375 2.43 20.98 -7.50
C ILE B 375 1.14 21.19 -8.26
N TYR B 376 1.03 20.56 -9.44
CA TYR B 376 -0.15 20.77 -10.26
C TYR B 376 -1.41 20.28 -9.56
N LEU B 377 -1.36 19.11 -8.94
CA LEU B 377 -2.52 18.65 -8.18
C LEU B 377 -2.86 19.66 -7.09
N SER B 378 -1.83 20.13 -6.37
N SER B 378 -1.84 20.16 -6.37
CA SER B 378 -2.04 21.05 -5.26
CA SER B 378 -2.09 21.04 -5.24
C SER B 378 -2.72 22.33 -5.69
C SER B 378 -2.70 22.36 -5.67
N GLU B 379 -2.44 22.79 -6.91
CA GLU B 379 -3.04 24.02 -7.43
C GLU B 379 -4.38 23.79 -8.12
N PHE B 380 -4.56 22.64 -8.76
CA PHE B 380 -5.80 22.35 -9.48
C PHE B 380 -6.94 22.02 -8.54
N ALA B 381 -6.70 21.20 -7.52
CA ALA B 381 -7.79 20.77 -6.67
C ALA B 381 -8.53 21.94 -6.02
N PRO B 382 -7.88 23.00 -5.53
CA PRO B 382 -8.63 24.15 -5.00
C PRO B 382 -9.51 24.87 -6.00
N MET B 383 -9.31 24.66 -7.30
CA MET B 383 -10.12 25.32 -8.31
C MET B 383 -11.42 24.59 -8.59
N LEU B 384 -11.56 23.36 -8.11
CA LEU B 384 -12.64 22.50 -8.58
C LEU B 384 -13.95 22.78 -7.88
N PHE B 385 -15.03 22.72 -8.66
CA PHE B 385 -16.40 22.68 -8.15
C PHE B 385 -16.79 24.01 -7.51
N LYS B 386 -16.18 25.09 -8.00
CA LYS B 386 -16.45 26.44 -7.52
C LYS B 386 -16.89 27.36 -8.65
#